data_5N0O
#
_entry.id   5N0O
#
_cell.length_a   74.567
_cell.length_b   100.891
_cell.length_c   123.275
_cell.angle_alpha   90.00
_cell.angle_beta   90.00
_cell.angle_gamma   90.00
#
_symmetry.space_group_name_H-M   'P 21 21 21'
#
loop_
_entity.id
_entity.type
_entity.pdbx_description
1 polymer 'Peptide N-methyltransferase'
2 polymer 'Peptide N-methyltransferase'
3 non-polymer S-ADENOSYLMETHIONINE
4 non-polymer 1,2-ETHANEDIOL
5 non-polymer L-HOMOSERINE
6 water water
#
loop_
_entity_poly.entity_id
_entity_poly.type
_entity_poly.pdbx_seq_one_letter_code
_entity_poly.pdbx_strand_id
1 'polypeptide(L)'
;GTSTQTKAGSLTIVGTGIESIGQ(MSE)TLQALSYIEAAAKVFY(CSX)VIDPATEAFILTKNKNCVDLYQYYDNGKSRL
NTYTQ(MSE)SEL(MSE)VREVRKGLDVVGVFYGHPGVFVNPSHRALAIAKSEGYRAR(MSE)LPGVSAEDCLFADLCID
PSNPGCLTYEASDFLIRDRPVSIHSHLVLFQVGCVGIADFNFTGFDNNKFGVLVDRLEQEYGAEHPVVHYIAA(MSE)
(MSE)PHQDPVTDKYTVAQLREPEIAKRVGGVSTFYIPPKARKASNLDIIRRLELLPAGQVPDKKARIYPANQWEPDVPE
VEPYRPSDQAAIAQLADHAPPEQYQPLATSKA(MSE)SDV(MSE)TKLALDPKALADYKADHRAFAQSVPDLTPQERAAL
ELGDSWAIRCA(MSE)KN(MSE)PSSLLDAARESGEEASQNGFP
;
A
2 'polypeptide(L)'
;GTSTQTKAGSLTIVGTGIESIGQ(MSE)TLQALSYIEAAAKVFY(CSX)VIDPATEAFILTKNKNCVDLYQYYDNGKSRL
NTYTQ(MSE)SEL(MSE)VREVRKGLDVVGVFYGHPGVFVNPSHRALAIAKSEGYRAR(MSE)LPGVSAEDCLFADLCID
PSNPGCLTYEASDFLIRDRPVSIHSHLVLFQVG(CSO)VGIADFNFTGFDNNKFGVLVDRLEQEYGAEHPVVHYIAA
(MSE)(MSE)PHQDPVTDKYTVAQLREPEIAKRVGGVSTFYIPPKARKASNLDIIRRLELLPAGQVPDKKARIYPANQWE
PDVPEVEPYRPSDQAAIAQLADHAPPEQYQPLATSKA(MSE)SDV(MSE)TKLALDPKALADYKADHRAFAQSVPDLTPQ
ERAALELGDSWAIRCA(MSE)KN(MSE)PSSLLDAARESGEEASQNGFP
;
B
#
# COMPACT_ATOMS: atom_id res chain seq x y z
N THR A 6 -22.96 -19.73 13.46
CA THR A 6 -22.82 -20.12 12.01
C THR A 6 -23.90 -19.44 11.16
N LYS A 7 -23.97 -18.11 11.25
CA LYS A 7 -24.94 -17.33 10.47
C LYS A 7 -24.57 -17.30 8.99
N ALA A 8 -25.58 -17.47 8.14
CA ALA A 8 -25.43 -17.16 6.72
C ALA A 8 -25.31 -15.64 6.59
N GLY A 9 -24.42 -15.20 5.69
CA GLY A 9 -24.18 -13.78 5.40
C GLY A 9 -22.76 -13.36 5.76
N SER A 10 -22.12 -12.59 4.87
CA SER A 10 -20.74 -12.11 5.11
C SER A 10 -20.46 -10.82 4.33
N LEU A 11 -19.48 -10.06 4.80
CA LEU A 11 -19.05 -8.83 4.13
C LEU A 11 -17.54 -8.85 3.94
N THR A 12 -17.10 -8.71 2.69
CA THR A 12 -15.68 -8.59 2.35
C THR A 12 -15.49 -7.30 1.57
N ILE A 13 -14.59 -6.43 2.02
CA ILE A 13 -14.34 -5.15 1.32
C ILE A 13 -12.93 -5.18 0.71
N VAL A 14 -12.85 -4.85 -0.58
CA VAL A 14 -11.62 -4.93 -1.39
C VAL A 14 -11.34 -3.59 -2.08
N GLY A 15 -10.12 -3.46 -2.59
CA GLY A 15 -9.70 -2.28 -3.35
C GLY A 15 -9.47 -2.55 -4.81
N THR A 16 -9.35 -1.48 -5.60
CA THR A 16 -8.98 -1.59 -7.03
C THR A 16 -7.64 -0.95 -7.37
N GLY A 17 -6.92 -0.39 -6.39
CA GLY A 17 -5.71 0.39 -6.70
C GLY A 17 -6.07 1.72 -7.37
N ILE A 18 -5.04 2.46 -7.81
CA ILE A 18 -5.25 3.82 -8.33
C ILE A 18 -5.32 3.86 -9.86
N GLU A 19 -4.33 3.25 -10.52
CA GLU A 19 -4.27 3.19 -11.99
C GLU A 19 -5.24 2.13 -12.51
N SER A 20 -6.07 2.55 -13.47
N SER A 20 -6.07 2.54 -13.48
CA SER A 20 -7.17 1.76 -14.06
CA SER A 20 -7.25 1.77 -13.87
C SER A 20 -6.86 0.29 -14.30
C SER A 20 -6.93 0.33 -14.30
N ILE A 21 -7.61 -0.58 -13.62
CA ILE A 21 -7.60 -2.04 -13.84
C ILE A 21 -6.30 -2.77 -13.41
N GLY A 22 -5.17 -2.34 -13.94
CA GLY A 22 -3.89 -2.98 -13.68
C GLY A 22 -3.46 -3.06 -12.22
N GLN A 23 -3.90 -2.11 -11.39
CA GLN A 23 -3.50 -2.10 -9.98
C GLN A 23 -4.45 -2.85 -9.05
N THR A 25 -5.63 -6.31 -7.30
CA THR A 25 -4.99 -7.61 -6.96
C THR A 25 -5.81 -8.80 -7.49
N LEU A 26 -5.12 -9.93 -7.70
CA LEU A 26 -5.76 -11.16 -8.17
C LEU A 26 -6.89 -11.59 -7.21
N GLN A 27 -6.67 -11.46 -5.89
CA GLN A 27 -7.70 -11.85 -4.91
C GLN A 27 -8.88 -10.87 -4.89
N ALA A 28 -8.66 -9.57 -5.06
CA ALA A 28 -9.79 -8.63 -5.21
C ALA A 28 -10.70 -9.07 -6.37
N LEU A 29 -10.10 -9.39 -7.52
CA LEU A 29 -10.87 -9.83 -8.69
C LEU A 29 -11.66 -11.13 -8.41
N SER A 30 -11.00 -12.12 -7.80
CA SER A 30 -11.67 -13.41 -7.53
C SER A 30 -12.88 -13.27 -6.57
N TYR A 31 -12.76 -12.40 -5.57
CA TYR A 31 -13.86 -12.18 -4.61
C TYR A 31 -15.02 -11.37 -5.25
N ILE A 32 -14.70 -10.40 -6.10
CA ILE A 32 -15.71 -9.70 -6.90
C ILE A 32 -16.50 -10.70 -7.77
N GLU A 33 -15.79 -11.60 -8.46
CA GLU A 33 -16.46 -12.59 -9.32
C GLU A 33 -17.39 -13.55 -8.57
N ALA A 34 -17.01 -13.93 -7.36
CA ALA A 34 -17.77 -14.90 -6.55
C ALA A 34 -18.96 -14.32 -5.76
N ALA A 35 -19.03 -12.99 -5.65
CA ALA A 35 -20.00 -12.34 -4.77
C ALA A 35 -21.45 -12.55 -5.24
N ALA A 36 -22.38 -12.60 -4.28
CA ALA A 36 -23.81 -12.55 -4.61
C ALA A 36 -24.29 -11.13 -4.97
N LYS A 37 -23.75 -10.13 -4.27
N LYS A 37 -23.62 -10.13 -4.38
CA LYS A 37 -24.04 -8.72 -4.51
CA LYS A 37 -24.02 -8.74 -4.48
C LYS A 37 -22.73 -7.93 -4.39
C LYS A 37 -22.75 -7.88 -4.34
N VAL A 38 -22.57 -6.92 -5.26
CA VAL A 38 -21.38 -6.01 -5.27
C VAL A 38 -21.83 -4.55 -5.13
N PHE A 39 -21.16 -3.79 -4.28
CA PHE A 39 -21.36 -2.33 -4.14
C PHE A 39 -20.00 -1.67 -4.39
N TYR A 40 -19.94 -0.65 -5.26
CA TYR A 40 -18.64 -0.08 -5.66
C TYR A 40 -18.58 1.46 -5.64
N VAL A 42 -15.74 3.87 -7.36
CA VAL A 42 -14.51 4.12 -8.14
C VAL A 42 -14.65 5.41 -8.94
N ILE A 43 -13.53 5.96 -9.41
N ILE A 43 -13.51 5.93 -9.40
CA ILE A 43 -13.58 7.27 -10.08
CA ILE A 43 -13.45 7.17 -10.18
C ILE A 43 -12.94 7.26 -11.48
C ILE A 43 -13.36 6.93 -11.69
N ASP A 44 -12.85 6.07 -12.10
N ASP A 44 -12.38 6.17 -12.15
CA ASP A 44 -12.26 5.80 -13.45
CA ASP A 44 -12.25 6.13 -13.61
C ASP A 44 -13.30 5.00 -14.28
C ASP A 44 -13.33 5.23 -14.22
N PRO A 45 -13.77 5.55 -15.44
CA PRO A 45 -14.84 4.80 -16.16
C PRO A 45 -14.45 3.41 -16.71
N ALA A 46 -13.19 3.22 -17.09
CA ALA A 46 -12.75 1.91 -17.55
C ALA A 46 -12.76 0.87 -16.43
N THR A 47 -12.39 1.28 -15.21
CA THR A 47 -12.46 0.38 -14.05
C THR A 47 -13.93 0.03 -13.74
N GLU A 48 -14.82 1.02 -13.77
CA GLU A 48 -16.26 0.76 -13.58
C GLU A 48 -16.78 -0.25 -14.62
N ALA A 49 -16.47 -0.03 -15.89
CA ALA A 49 -16.91 -0.94 -16.97
C ALA A 49 -16.41 -2.37 -16.75
N PHE A 50 -15.13 -2.51 -16.37
CA PHE A 50 -14.51 -3.80 -16.05
C PHE A 50 -15.24 -4.53 -14.91
N ILE A 51 -15.50 -3.84 -13.80
CA ILE A 51 -16.25 -4.43 -12.68
C ILE A 51 -17.61 -4.98 -13.13
N LEU A 52 -18.33 -4.20 -13.94
CA LEU A 52 -19.67 -4.60 -14.41
C LEU A 52 -19.65 -5.83 -15.35
N THR A 53 -18.51 -6.09 -16.00
CA THR A 53 -18.33 -7.33 -16.77
C THR A 53 -18.02 -8.56 -15.90
N LYS A 54 -17.62 -8.37 -14.64
CA LYS A 54 -17.20 -9.45 -13.75
C LYS A 54 -18.25 -9.91 -12.73
N ASN A 55 -19.31 -9.13 -12.51
CA ASN A 55 -20.44 -9.56 -11.68
C ASN A 55 -21.73 -8.95 -12.22
N LYS A 56 -22.79 -9.77 -12.26
N LYS A 56 -22.80 -9.76 -12.27
CA LYS A 56 -24.09 -9.38 -12.81
CA LYS A 56 -24.09 -9.31 -12.83
C LYS A 56 -24.99 -8.55 -11.86
C LYS A 56 -24.99 -8.53 -11.86
N ASN A 57 -24.59 -8.43 -10.59
CA ASN A 57 -25.42 -7.78 -9.56
C ASN A 57 -24.67 -6.67 -8.80
N CYS A 58 -24.41 -5.56 -9.49
CA CYS A 58 -23.66 -4.42 -8.93
C CYS A 58 -24.54 -3.18 -8.74
N VAL A 59 -24.20 -2.40 -7.69
CA VAL A 59 -24.80 -1.08 -7.43
C VAL A 59 -23.68 -0.04 -7.24
N ASP A 60 -23.78 1.09 -7.94
CA ASP A 60 -22.84 2.21 -7.81
C ASP A 60 -23.17 3.05 -6.57
N LEU A 61 -22.25 3.10 -5.62
CA LEU A 61 -22.39 3.93 -4.42
C LEU A 61 -22.22 5.45 -4.66
N TYR A 62 -21.58 5.83 -5.77
CA TYR A 62 -21.27 7.25 -6.05
C TYR A 62 -22.51 8.12 -6.17
N GLN A 63 -23.62 7.51 -6.58
CA GLN A 63 -24.91 8.22 -6.69
C GLN A 63 -25.47 8.74 -5.34
N TYR A 64 -24.89 8.32 -4.21
CA TYR A 64 -25.35 8.77 -2.88
C TYR A 64 -24.63 10.04 -2.37
N TYR A 65 -23.66 10.54 -3.13
CA TYR A 65 -23.14 11.91 -2.91
C TYR A 65 -24.11 12.91 -3.53
N ASP A 66 -24.09 14.16 -3.06
CA ASP A 66 -24.84 15.26 -3.72
C ASP A 66 -24.26 16.64 -3.36
N ASN A 67 -24.57 17.62 -4.21
CA ASN A 67 -24.23 19.04 -3.97
C ASN A 67 -24.80 19.49 -2.63
N GLY A 68 -23.93 20.00 -1.75
CA GLY A 68 -24.35 20.51 -0.45
C GLY A 68 -24.72 19.49 0.61
N LYS A 69 -24.56 18.20 0.31
CA LYS A 69 -24.92 17.09 1.21
C LYS A 69 -23.67 16.68 1.99
N SER A 70 -23.81 16.55 3.31
CA SER A 70 -22.69 16.20 4.17
C SER A 70 -22.18 14.81 3.79
N ARG A 71 -20.85 14.67 3.73
CA ARG A 71 -20.25 13.40 3.37
C ARG A 71 -20.56 12.31 4.42
N LEU A 72 -20.67 12.70 5.70
CA LEU A 72 -21.07 11.77 6.76
C LEU A 72 -22.44 11.13 6.51
N ASN A 73 -23.42 11.89 6.01
CA ASN A 73 -24.72 11.33 5.62
C ASN A 73 -24.58 10.32 4.46
N THR A 74 -23.83 10.68 3.43
CA THR A 74 -23.50 9.75 2.34
C THR A 74 -22.88 8.43 2.87
N TYR A 75 -21.91 8.55 3.78
CA TYR A 75 -21.22 7.35 4.30
C TYR A 75 -22.15 6.42 5.10
N THR A 76 -23.02 6.99 5.92
CA THR A 76 -24.04 6.20 6.63
C THR A 76 -24.93 5.41 5.66
N GLN A 77 -25.36 6.08 4.59
CA GLN A 77 -26.17 5.43 3.54
C GLN A 77 -25.44 4.30 2.83
N SER A 79 -22.89 2.45 3.89
N SER A 79 -22.89 2.45 3.89
N SER A 79 -22.89 2.47 3.89
CA SER A 79 -22.72 1.33 4.81
CA SER A 79 -22.74 1.34 4.83
CA SER A 79 -22.74 1.39 4.86
C SER A 79 -24.02 0.55 5.04
C SER A 79 -24.03 0.55 5.02
C SER A 79 -24.02 0.57 5.04
N GLU A 80 -25.15 1.26 5.16
CA GLU A 80 -26.46 0.62 5.36
C GLU A 80 -26.90 -0.22 4.16
N LEU A 81 -26.65 0.27 2.96
CA LEU A 81 -26.95 -0.50 1.74
C LEU A 81 -26.24 -1.86 1.72
N VAL A 83 -24.84 -3.62 4.49
N VAL A 83 -24.86 -3.59 4.48
CA VAL A 83 -25.24 -4.49 5.59
CA VAL A 83 -25.25 -4.44 5.61
C VAL A 83 -26.70 -4.99 5.47
C VAL A 83 -26.68 -5.02 5.43
N ARG A 84 -27.56 -4.26 4.78
CA ARG A 84 -28.93 -4.76 4.45
C ARG A 84 -28.88 -6.11 3.70
N GLU A 85 -27.97 -6.23 2.75
CA GLU A 85 -27.83 -7.48 1.98
C GLU A 85 -27.15 -8.59 2.80
N VAL A 86 -26.21 -8.24 3.68
CA VAL A 86 -25.62 -9.19 4.62
C VAL A 86 -26.71 -9.83 5.51
N ARG A 87 -27.64 -9.02 6.01
CA ARG A 87 -28.75 -9.48 6.87
C ARG A 87 -29.72 -10.47 6.17
N LYS A 88 -29.78 -10.43 4.83
CA LYS A 88 -30.55 -11.42 4.03
C LYS A 88 -29.81 -12.75 3.80
N GLY A 89 -28.63 -12.92 4.40
CA GLY A 89 -27.87 -14.16 4.30
C GLY A 89 -27.00 -14.27 3.08
N LEU A 90 -26.65 -13.14 2.45
CA LEU A 90 -25.90 -13.12 1.20
C LEU A 90 -24.41 -12.80 1.43
N ASP A 91 -23.57 -13.30 0.53
CA ASP A 91 -22.14 -12.94 0.53
C ASP A 91 -21.94 -11.67 -0.31
N VAL A 92 -21.64 -10.58 0.40
CA VAL A 92 -21.60 -9.24 -0.16
C VAL A 92 -20.14 -8.79 -0.26
N VAL A 93 -19.80 -8.13 -1.37
CA VAL A 93 -18.47 -7.52 -1.56
C VAL A 93 -18.63 -6.02 -1.82
N GLY A 94 -17.92 -5.21 -1.01
CA GLY A 94 -17.76 -3.77 -1.26
C GLY A 94 -16.43 -3.51 -1.94
N VAL A 95 -16.39 -2.51 -2.82
CA VAL A 95 -15.21 -2.17 -3.64
C VAL A 95 -14.97 -0.66 -3.57
N PHE A 96 -13.77 -0.25 -3.16
CA PHE A 96 -13.37 1.17 -3.10
C PHE A 96 -12.06 1.35 -3.87
N TYR A 97 -11.90 2.45 -4.58
CA TYR A 97 -10.64 2.67 -5.29
C TYR A 97 -9.45 2.81 -4.32
N GLY A 98 -8.26 2.41 -4.78
CA GLY A 98 -7.05 2.44 -3.94
C GLY A 98 -7.02 1.27 -2.97
N HIS A 99 -6.62 1.55 -1.73
CA HIS A 99 -6.76 0.64 -0.58
C HIS A 99 -8.07 1.04 0.10
N PRO A 100 -8.98 0.07 0.34
CA PRO A 100 -10.33 0.42 0.81
C PRO A 100 -10.44 0.93 2.26
N GLY A 101 -9.35 0.90 3.02
CA GLY A 101 -9.29 1.40 4.39
C GLY A 101 -8.36 2.55 4.65
N VAL A 102 -7.80 3.15 3.59
CA VAL A 102 -6.86 4.27 3.67
C VAL A 102 -7.62 5.55 3.28
N PHE A 103 -7.87 6.43 4.26
CA PHE A 103 -8.70 7.62 4.08
C PHE A 103 -10.09 7.28 3.51
N VAL A 104 -10.73 6.25 4.07
CA VAL A 104 -12.10 5.82 3.72
C VAL A 104 -12.91 5.53 5.00
N ASN A 105 -13.93 6.35 5.25
CA ASN A 105 -14.85 6.18 6.36
C ASN A 105 -15.83 4.95 6.25
N PRO A 106 -16.57 4.83 5.13
CA PRO A 106 -17.70 3.88 5.14
C PRO A 106 -17.35 2.38 5.18
N SER A 107 -16.15 2.00 4.74
CA SER A 107 -15.70 0.62 4.79
C SER A 107 -15.52 0.14 6.26
N HIS A 108 -14.77 0.91 7.04
CA HIS A 108 -14.57 0.63 8.46
C HIS A 108 -15.92 0.55 9.21
N ARG A 109 -16.83 1.47 8.88
CA ARG A 109 -18.16 1.50 9.50
C ARG A 109 -18.95 0.23 9.20
N ALA A 110 -19.05 -0.13 7.92
CA ALA A 110 -19.85 -1.29 7.52
C ALA A 110 -19.31 -2.60 8.12
N LEU A 111 -17.99 -2.76 8.14
CA LEU A 111 -17.40 -3.98 8.70
C LEU A 111 -17.63 -4.09 10.20
N ALA A 112 -17.52 -2.97 10.92
CA ALA A 112 -17.76 -2.96 12.36
C ALA A 112 -19.23 -3.29 12.69
N ILE A 113 -20.18 -2.76 11.92
CA ILE A 113 -21.62 -3.09 12.14
C ILE A 113 -21.88 -4.57 11.87
N ALA A 114 -21.39 -5.09 10.74
CA ALA A 114 -21.50 -6.52 10.42
C ALA A 114 -20.95 -7.44 11.53
N LYS A 115 -19.75 -7.10 12.01
CA LYS A 115 -19.10 -7.84 13.10
C LYS A 115 -19.93 -7.82 14.39
N SER A 116 -20.51 -6.66 14.71
CA SER A 116 -21.31 -6.50 15.93
C SER A 116 -22.60 -7.32 15.91
N GLU A 117 -23.14 -7.58 14.72
CA GLU A 117 -24.35 -8.41 14.56
C GLU A 117 -24.08 -9.90 14.43
N GLY A 118 -22.82 -10.29 14.46
CA GLY A 118 -22.41 -11.68 14.44
C GLY A 118 -22.14 -12.29 13.08
N TYR A 119 -21.90 -11.44 12.06
CA TYR A 119 -21.54 -11.91 10.71
C TYR A 119 -20.02 -11.87 10.50
N ARG A 120 -19.53 -12.72 9.60
CA ARG A 120 -18.12 -12.70 9.19
C ARG A 120 -17.82 -11.43 8.40
N ALA A 121 -16.68 -10.81 8.69
CA ALA A 121 -16.31 -9.53 8.08
C ALA A 121 -14.78 -9.44 7.93
N ARG A 122 -14.31 -9.07 6.73
CA ARG A 122 -12.86 -8.98 6.44
C ARG A 122 -12.58 -7.86 5.43
N LEU A 124 -9.64 -6.77 2.63
CA LEU A 124 -8.44 -7.16 1.87
C LEU A 124 -7.69 -5.87 1.45
N PRO A 125 -6.38 -5.79 1.72
CA PRO A 125 -5.62 -4.58 1.39
C PRO A 125 -5.47 -4.35 -0.12
N GLY A 126 -5.22 -3.10 -0.51
CA GLY A 126 -4.92 -2.75 -1.89
C GLY A 126 -3.85 -1.68 -1.98
N VAL A 127 -3.56 -1.25 -3.22
CA VAL A 127 -2.53 -0.26 -3.52
C VAL A 127 -3.08 1.16 -3.33
N SER A 128 -2.54 1.90 -2.38
CA SER A 128 -3.02 3.26 -2.07
C SER A 128 -2.34 4.36 -2.89
N ALA A 129 -2.86 5.58 -2.79
CA ALA A 129 -2.18 6.73 -3.40
C ALA A 129 -0.79 6.99 -2.79
N GLU A 130 -0.59 6.66 -1.51
CA GLU A 130 0.74 6.76 -0.89
C GLU A 130 1.71 5.72 -1.48
N ASP A 131 1.22 4.51 -1.70
CA ASP A 131 2.03 3.47 -2.40
C ASP A 131 2.49 3.98 -3.78
N CYS A 132 1.58 4.62 -4.52
CA CYS A 132 1.93 5.21 -5.83
C CYS A 132 2.95 6.35 -5.69
N LEU A 133 2.77 7.20 -4.68
CA LEU A 133 3.68 8.33 -4.41
C LEU A 133 5.13 7.82 -4.21
N PHE A 134 5.31 6.79 -3.38
CA PHE A 134 6.65 6.23 -3.16
C PHE A 134 7.29 5.77 -4.50
N ALA A 135 6.50 5.06 -5.32
CA ALA A 135 6.99 4.54 -6.61
C ALA A 135 7.33 5.64 -7.63
N ASP A 136 6.48 6.66 -7.74
CA ASP A 136 6.65 7.72 -8.74
C ASP A 136 7.65 8.82 -8.34
N LEU A 137 7.71 9.14 -7.05
CA LEU A 137 8.68 10.14 -6.56
C LEU A 137 10.04 9.54 -6.21
N CYS A 138 10.16 8.20 -6.25
CA CYS A 138 11.43 7.48 -6.02
C CYS A 138 11.98 7.71 -4.61
N ILE A 139 11.11 7.49 -3.61
CA ILE A 139 11.48 7.56 -2.20
C ILE A 139 11.06 6.29 -1.46
N ASP A 140 11.72 6.03 -0.34
CA ASP A 140 11.41 4.91 0.55
C ASP A 140 11.00 5.49 1.92
N PRO A 141 9.84 5.07 2.48
CA PRO A 141 9.49 5.53 3.83
C PRO A 141 10.57 5.24 4.90
N SER A 142 11.36 4.17 4.72
N SER A 142 11.37 4.18 4.71
CA SER A 142 12.45 3.80 5.63
CA SER A 142 12.43 3.80 5.66
C SER A 142 13.48 4.91 5.88
C SER A 142 13.50 4.90 5.87
N ASN A 143 13.77 5.69 4.84
CA ASN A 143 14.87 6.66 4.83
C ASN A 143 14.33 8.04 4.42
N PRO A 144 14.01 8.95 5.36
CA PRO A 144 14.36 8.94 6.80
C PRO A 144 13.12 8.92 7.73
N GLY A 145 12.19 8.01 7.47
CA GLY A 145 10.92 7.97 8.21
C GLY A 145 9.83 8.75 7.48
N CYS A 146 8.57 8.45 7.79
CA CYS A 146 7.43 9.09 7.09
C CYS A 146 6.27 9.43 8.05
N LEU A 147 5.79 10.67 7.97
CA LEU A 147 4.59 11.15 8.69
C LEU A 147 3.49 11.36 7.64
N THR A 148 2.30 10.79 7.91
CA THR A 148 1.15 10.86 6.99
C THR A 148 -0.08 11.39 7.74
N TYR A 149 -0.66 12.48 7.22
CA TYR A 149 -1.85 13.10 7.83
C TYR A 149 -2.92 13.51 6.80
N GLU A 150 -4.14 13.64 7.30
CA GLU A 150 -5.23 14.32 6.59
C GLU A 150 -5.00 15.83 6.77
N ALA A 151 -5.09 16.62 5.69
CA ALA A 151 -4.72 18.05 5.75
C ALA A 151 -5.51 18.90 6.76
N SER A 152 -6.81 18.69 6.85
CA SER A 152 -7.65 19.44 7.80
C SER A 152 -7.34 19.04 9.26
N ASP A 153 -7.24 17.73 9.52
CA ASP A 153 -6.85 17.22 10.85
C ASP A 153 -5.46 17.74 11.29
N PHE A 154 -4.51 17.75 10.36
CA PHE A 154 -3.16 18.34 10.56
C PHE A 154 -3.24 19.76 11.15
N LEU A 155 -4.14 20.58 10.63
CA LEU A 155 -4.35 21.94 11.13
C LEU A 155 -5.17 21.99 12.42
N ILE A 156 -6.33 21.33 12.44
CA ILE A 156 -7.28 21.45 13.58
C ILE A 156 -6.69 20.93 14.90
N ARG A 157 -5.99 19.81 14.85
CA ARG A 157 -5.33 19.23 16.04
C ARG A 157 -3.86 19.62 16.17
N ASP A 158 -3.38 20.55 15.34
CA ASP A 158 -1.99 21.02 15.38
C ASP A 158 -1.02 19.84 15.47
N ARG A 159 -1.15 18.92 14.54
CA ARG A 159 -0.35 17.68 14.56
C ARG A 159 1.13 18.03 14.37
N PRO A 160 2.03 17.30 15.06
CA PRO A 160 3.44 17.67 15.01
C PRO A 160 4.11 17.46 13.64
N VAL A 161 4.95 18.42 13.26
CA VAL A 161 5.85 18.26 12.10
CA VAL A 161 5.85 18.31 12.10
C VAL A 161 7.17 17.67 12.55
N SER A 162 7.82 16.96 11.63
CA SER A 162 9.19 16.52 11.80
C SER A 162 9.96 16.89 10.53
N ILE A 163 10.75 17.96 10.60
CA ILE A 163 11.47 18.47 9.45
C ILE A 163 12.60 17.55 8.94
N HIS A 164 12.91 16.47 9.67
CA HIS A 164 13.95 15.51 9.28
C HIS A 164 13.40 14.26 8.60
N SER A 165 12.08 14.11 8.52
CA SER A 165 11.42 12.97 7.87
C SER A 165 10.55 13.40 6.68
N HIS A 166 10.14 12.43 5.85
CA HIS A 166 9.14 12.68 4.80
C HIS A 166 7.81 13.14 5.43
N LEU A 167 7.10 14.06 4.77
CA LEU A 167 5.71 14.44 5.14
C LEU A 167 4.76 14.27 3.94
N VAL A 168 3.66 13.55 4.15
CA VAL A 168 2.63 13.32 3.12
C VAL A 168 1.28 13.81 3.64
N LEU A 169 0.63 14.71 2.89
CA LEU A 169 -0.69 15.28 3.25
C LEU A 169 -1.76 14.92 2.21
N PHE A 170 -2.77 14.16 2.63
CA PHE A 170 -3.94 13.80 1.80
C PHE A 170 -5.03 14.90 1.93
N GLN A 171 -5.91 14.98 0.93
CA GLN A 171 -7.11 15.86 1.02
C GLN A 171 -6.78 17.36 1.16
N VAL A 172 -5.69 17.77 0.51
CA VAL A 172 -5.28 19.19 0.43
C VAL A 172 -6.24 20.02 -0.45
N GLY A 173 -7.04 19.36 -1.29
CA GLY A 173 -8.05 20.02 -2.11
C GLY A 173 -9.38 20.36 -1.46
N CYS A 174 -9.56 20.01 -0.18
CA CYS A 174 -10.83 20.28 0.52
C CYS A 174 -10.66 20.67 1.99
N VAL A 175 -9.77 21.65 2.23
CA VAL A 175 -9.45 22.10 3.59
C VAL A 175 -10.67 22.70 4.30
N GLY A 176 -11.06 22.08 5.42
CA GLY A 176 -12.22 22.54 6.20
C GLY A 176 -13.61 22.29 5.61
N ILE A 177 -13.71 21.49 4.55
CA ILE A 177 -14.98 21.30 3.81
C ILE A 177 -15.62 19.96 4.17
N ALA A 178 -16.88 20.02 4.61
CA ALA A 178 -17.63 18.85 5.09
C ALA A 178 -18.57 18.20 4.05
N ASP A 179 -18.84 18.91 2.96
CA ASP A 179 -19.82 18.44 1.97
C ASP A 179 -19.15 18.03 0.64
N PHE A 180 -19.91 18.10 -0.47
CA PHE A 180 -19.50 17.59 -1.77
C PHE A 180 -20.10 18.49 -2.86
N ASN A 181 -19.43 18.55 -4.00
N ASN A 181 -19.43 18.56 -4.01
CA ASN A 181 -20.00 19.15 -5.22
CA ASN A 181 -19.98 19.17 -5.22
C ASN A 181 -19.48 18.38 -6.43
C ASN A 181 -19.48 18.38 -6.43
N PHE A 182 -20.38 18.09 -7.37
CA PHE A 182 -20.03 17.28 -8.57
C PHE A 182 -19.02 17.95 -9.51
N THR A 183 -19.03 19.29 -9.56
CA THR A 183 -18.08 20.07 -10.37
C THR A 183 -16.73 20.35 -9.68
N GLY A 184 -16.62 20.06 -8.38
CA GLY A 184 -15.38 20.26 -7.62
C GLY A 184 -15.57 21.16 -6.41
N PHE A 185 -14.58 21.13 -5.52
CA PHE A 185 -14.59 21.93 -4.29
C PHE A 185 -14.21 23.38 -4.58
N ASP A 186 -14.82 24.31 -3.85
CA ASP A 186 -14.36 25.70 -3.74
C ASP A 186 -13.44 25.77 -2.50
N ASN A 187 -12.15 25.59 -2.74
CA ASN A 187 -11.15 25.36 -1.68
C ASN A 187 -10.63 26.68 -1.09
N ASN A 188 -11.54 27.51 -0.61
CA ASN A 188 -11.21 28.89 -0.20
C ASN A 188 -10.52 29.04 1.17
N LYS A 189 -10.34 27.93 1.92
CA LYS A 189 -9.54 27.94 3.16
C LYS A 189 -8.12 27.35 2.96
N PHE A 190 -7.76 27.06 1.71
CA PHE A 190 -6.41 26.56 1.36
C PHE A 190 -5.29 27.45 1.92
N GLY A 191 -5.49 28.77 1.94
CA GLY A 191 -4.49 29.69 2.48
C GLY A 191 -4.10 29.48 3.94
N VAL A 192 -5.01 28.90 4.72
CA VAL A 192 -4.74 28.52 6.12
C VAL A 192 -3.67 27.40 6.18
N LEU A 193 -3.78 26.43 5.28
CA LEU A 193 -2.73 25.38 5.17
C LEU A 193 -1.38 25.98 4.76
N VAL A 194 -1.40 26.90 3.79
CA VAL A 194 -0.15 27.52 3.31
C VAL A 194 0.57 28.30 4.45
N ASP A 195 -0.20 29.03 5.27
CA ASP A 195 0.37 29.71 6.44
C ASP A 195 1.08 28.76 7.40
N ARG A 196 0.48 27.60 7.70
CA ARG A 196 1.13 26.61 8.58
C ARG A 196 2.42 26.09 7.93
N LEU A 197 2.38 25.74 6.65
CA LEU A 197 3.58 25.24 5.97
C LEU A 197 4.74 26.27 5.97
N GLU A 198 4.42 27.55 5.76
N GLU A 198 4.43 27.55 5.75
CA GLU A 198 5.46 28.59 5.80
CA GLU A 198 5.46 28.61 5.80
C GLU A 198 6.03 28.77 7.20
C GLU A 198 6.03 28.78 7.20
N GLN A 199 5.17 28.73 8.22
CA GLN A 199 5.60 28.82 9.62
C GLN A 199 6.54 27.66 10.05
N GLU A 200 6.36 26.48 9.48
CA GLU A 200 7.17 25.29 9.83
C GLU A 200 8.42 25.10 8.96
N TYR A 201 8.32 25.40 7.67
CA TYR A 201 9.37 25.09 6.67
C TYR A 201 10.05 26.30 6.00
N GLY A 202 9.41 27.46 6.02
CA GLY A 202 9.91 28.66 5.35
C GLY A 202 9.36 28.85 3.94
N ALA A 203 9.43 30.09 3.47
CA ALA A 203 8.83 30.50 2.18
C ALA A 203 9.39 29.79 0.94
N GLU A 204 10.67 29.43 0.95
CA GLU A 204 11.32 28.86 -0.25
C GLU A 204 11.48 27.34 -0.23
N HIS A 205 10.96 26.66 0.79
CA HIS A 205 11.07 25.20 0.89
C HIS A 205 10.16 24.54 -0.17
N PRO A 206 10.62 23.42 -0.79
CA PRO A 206 9.78 22.77 -1.81
C PRO A 206 8.56 22.00 -1.30
N VAL A 207 7.48 22.10 -2.06
CA VAL A 207 6.27 21.28 -1.89
C VAL A 207 6.00 20.62 -3.25
N VAL A 208 5.93 19.28 -3.29
CA VAL A 208 5.65 18.56 -4.53
C VAL A 208 4.14 18.29 -4.63
N HIS A 209 3.51 18.85 -5.67
CA HIS A 209 2.11 18.57 -6.01
C HIS A 209 2.04 17.25 -6.79
N TYR A 210 1.44 16.22 -6.18
CA TYR A 210 1.42 14.86 -6.73
C TYR A 210 0.00 14.39 -7.11
N ILE A 211 -0.15 13.99 -8.39
CA ILE A 211 -1.36 13.27 -8.86
C ILE A 211 -0.90 12.03 -9.63
N ALA A 212 -1.13 10.85 -9.06
CA ALA A 212 -0.85 9.56 -9.73
C ALA A 212 -1.70 9.46 -10.99
N ALA A 213 -1.10 8.91 -12.04
CA ALA A 213 -1.86 8.66 -13.27
C ALA A 213 -3.00 7.64 -13.04
N PRO A 216 -3.68 4.08 -18.00
CA PRO A 216 -2.34 3.43 -18.20
C PRO A 216 -1.31 4.17 -19.06
N HIS A 217 -1.77 5.02 -19.98
CA HIS A 217 -0.89 5.81 -20.84
C HIS A 217 -0.47 7.20 -20.28
N GLN A 218 -1.11 7.63 -19.19
N GLN A 218 -1.09 7.63 -19.19
CA GLN A 218 -0.86 8.94 -18.56
CA GLN A 218 -0.83 8.97 -18.64
C GLN A 218 0.44 8.98 -17.77
C GLN A 218 0.40 9.00 -17.74
N ASP A 219 1.06 10.16 -17.70
CA ASP A 219 2.18 10.42 -16.79
C ASP A 219 1.64 11.00 -15.50
N PRO A 220 2.32 10.73 -14.37
CA PRO A 220 1.92 11.38 -13.13
C PRO A 220 2.25 12.87 -13.16
N VAL A 221 1.52 13.66 -12.37
CA VAL A 221 1.89 15.05 -12.08
C VAL A 221 2.85 15.00 -10.89
N THR A 222 4.05 15.56 -11.08
CA THR A 222 5.09 15.63 -10.03
C THR A 222 5.72 17.03 -10.04
N ASP A 223 4.89 18.04 -9.80
CA ASP A 223 5.30 19.45 -9.94
C ASP A 223 5.81 20.06 -8.63
N LYS A 224 7.06 20.52 -8.63
N LYS A 224 7.06 20.54 -8.64
CA LYS A 224 7.66 21.18 -7.47
CA LYS A 224 7.70 21.18 -7.49
C LYS A 224 7.29 22.67 -7.45
C LYS A 224 7.34 22.67 -7.45
N TYR A 225 6.82 23.15 -6.31
CA TYR A 225 6.58 24.57 -6.06
C TYR A 225 7.26 24.95 -4.75
N THR A 226 7.53 26.24 -4.54
CA THR A 226 7.89 26.71 -3.19
C THR A 226 6.60 26.88 -2.38
N VAL A 227 6.73 26.89 -1.05
CA VAL A 227 5.58 27.21 -0.19
C VAL A 227 4.93 28.54 -0.60
N ALA A 228 5.74 29.57 -0.80
CA ALA A 228 5.24 30.89 -1.21
C ALA A 228 4.46 30.91 -2.52
N GLN A 229 4.87 30.07 -3.48
CA GLN A 229 4.15 29.94 -4.76
C GLN A 229 2.69 29.47 -4.59
N LEU A 230 2.40 28.74 -3.52
CA LEU A 230 1.04 28.21 -3.28
C LEU A 230 0.00 29.32 -2.98
N ARG A 231 0.45 30.54 -2.68
CA ARG A 231 -0.46 31.71 -2.58
C ARG A 231 -0.89 32.33 -3.92
N GLU A 232 -0.22 31.98 -5.02
CA GLU A 232 -0.57 32.53 -6.33
C GLU A 232 -1.86 31.86 -6.82
N PRO A 233 -2.91 32.66 -7.17
CA PRO A 233 -4.22 32.09 -7.55
C PRO A 233 -4.19 31.00 -8.63
N GLU A 234 -3.37 31.18 -9.66
CA GLU A 234 -3.28 30.23 -10.77
C GLU A 234 -2.64 28.90 -10.39
N ILE A 235 -1.77 28.91 -9.38
CA ILE A 235 -1.18 27.69 -8.84
C ILE A 235 -2.16 27.00 -7.87
N ALA A 236 -2.75 27.76 -6.94
CA ALA A 236 -3.71 27.19 -5.98
C ALA A 236 -4.88 26.47 -6.66
N LYS A 237 -5.37 27.01 -7.78
CA LYS A 237 -6.51 26.39 -8.47
C LYS A 237 -6.19 25.04 -9.15
N ARG A 238 -4.90 24.71 -9.30
CA ARG A 238 -4.51 23.39 -9.82
C ARG A 238 -4.70 22.26 -8.78
N VAL A 239 -4.86 22.61 -7.50
CA VAL A 239 -5.01 21.63 -6.42
C VAL A 239 -6.48 21.20 -6.30
N GLY A 240 -6.76 19.92 -6.62
CA GLY A 240 -8.13 19.38 -6.66
C GLY A 240 -8.36 18.16 -5.79
N GLY A 241 -9.41 17.42 -6.12
CA GLY A 241 -9.87 16.29 -5.31
C GLY A 241 -9.02 15.04 -5.31
N VAL A 242 -8.11 14.90 -6.28
CA VAL A 242 -7.17 13.76 -6.33
C VAL A 242 -5.70 14.21 -6.11
N SER A 243 -5.51 15.38 -5.50
CA SER A 243 -4.17 15.94 -5.21
C SER A 243 -3.67 15.55 -3.82
N THR A 244 -2.39 15.17 -3.74
CA THR A 244 -1.69 14.88 -2.49
C THR A 244 -0.40 15.73 -2.48
N PHE A 245 0.03 16.21 -1.30
CA PHE A 245 1.32 16.93 -1.21
C PHE A 245 2.39 16.05 -0.56
N TYR A 246 3.60 16.10 -1.14
CA TYR A 246 4.82 15.55 -0.53
C TYR A 246 5.76 16.70 -0.19
N ILE A 247 6.17 16.78 1.09
CA ILE A 247 7.12 17.80 1.56
C ILE A 247 8.41 17.10 2.04
N PRO A 248 9.53 17.29 1.31
CA PRO A 248 10.77 16.58 1.68
C PRO A 248 11.43 17.16 2.94
N PRO A 249 12.36 16.41 3.55
CA PRO A 249 13.11 16.94 4.71
C PRO A 249 13.85 18.26 4.44
N LYS A 250 13.94 19.09 5.48
CA LYS A 250 14.70 20.36 5.46
C LYS A 250 16.13 20.17 5.99
N ALA A 251 16.38 19.11 6.75
CA ALA A 251 17.68 18.88 7.40
C ALA A 251 17.87 17.40 7.72
N ARG A 252 19.10 17.02 8.04
CA ARG A 252 19.42 15.65 8.48
C ARG A 252 19.69 15.63 9.98
N LYS A 253 19.12 14.66 10.68
CA LYS A 253 19.24 14.57 12.13
C LYS A 253 20.53 13.85 12.51
N ALA A 254 21.19 14.34 13.56
CA ALA A 254 22.44 13.76 14.04
C ALA A 254 22.19 12.43 14.75
N SER A 255 23.17 11.55 14.70
CA SER A 255 23.09 10.25 15.36
C SER A 255 23.39 10.38 16.85
N ASN A 256 22.71 9.57 17.66
CA ASN A 256 22.88 9.57 19.12
C ASN A 256 24.07 8.67 19.47
N LEU A 257 25.07 9.25 20.11
CA LEU A 257 26.33 8.53 20.40
C LEU A 257 26.17 7.42 21.45
N ASP A 258 25.32 7.64 22.47
CA ASP A 258 25.02 6.62 23.47
C ASP A 258 24.37 5.38 22.86
N ILE A 259 23.44 5.56 21.92
CA ILE A 259 22.77 4.43 21.27
C ILE A 259 23.76 3.64 20.39
N ILE A 260 24.60 4.35 19.65
CA ILE A 260 25.65 3.72 18.83
C ILE A 260 26.60 2.88 19.70
N ARG A 261 26.91 3.36 20.90
CA ARG A 261 27.70 2.60 21.88
C ARG A 261 26.99 1.32 22.32
N ARG A 262 25.73 1.45 22.75
CA ARG A 262 24.93 0.31 23.21
C ARG A 262 24.65 -0.74 22.12
N LEU A 263 24.51 -0.29 20.87
CA LEU A 263 24.38 -1.19 19.72
C LEU A 263 25.74 -1.65 19.17
N GLU A 264 26.81 -0.94 19.51
CA GLU A 264 28.21 -1.33 19.24
C GLU A 264 28.53 -1.23 17.74
N LEU A 265 28.62 0.01 17.26
CA LEU A 265 28.83 0.31 15.82
C LEU A 265 29.96 1.31 15.47
N LEU A 266 30.64 1.89 16.48
CA LEU A 266 31.71 2.87 16.22
C LEU A 266 32.97 2.21 15.67
N VAL A 271 34.01 9.26 13.70
CA VAL A 271 32.72 9.82 14.11
C VAL A 271 31.69 9.79 12.96
N PRO A 272 30.39 9.68 13.29
CA PRO A 272 29.37 9.63 12.25
C PRO A 272 29.07 11.00 11.62
N ASP A 273 29.35 11.14 10.33
CA ASP A 273 28.97 12.32 9.56
C ASP A 273 27.48 12.19 9.21
N LYS A 274 26.67 13.15 9.66
CA LYS A 274 25.23 13.16 9.35
C LYS A 274 24.98 13.43 7.86
N LYS A 275 25.75 14.34 7.28
CA LYS A 275 25.73 14.59 5.82
C LYS A 275 26.66 13.62 5.09
N ALA A 276 26.28 12.35 5.08
CA ALA A 276 27.02 11.28 4.39
C ALA A 276 26.03 10.18 4.00
N ARG A 277 25.54 10.27 2.75
CA ARG A 277 24.38 9.51 2.31
C ARG A 277 24.73 8.22 1.59
N ILE A 278 23.83 7.23 1.69
CA ILE A 278 23.87 6.02 0.86
C ILE A 278 23.22 6.35 -0.48
N TYR A 279 23.77 5.79 -1.57
CA TYR A 279 23.23 6.01 -2.92
C TYR A 279 21.91 5.25 -3.08
N PRO A 280 20.88 5.86 -3.71
CA PRO A 280 20.78 7.21 -4.27
C PRO A 280 20.22 8.24 -3.29
N ALA A 281 20.60 9.51 -3.47
CA ALA A 281 20.05 10.62 -2.66
C ALA A 281 18.61 10.94 -3.08
N ASN A 282 17.84 11.51 -2.16
CA ASN A 282 16.48 12.02 -2.44
C ASN A 282 16.58 13.24 -3.37
N GLN A 283 16.04 13.09 -4.59
N GLN A 283 16.07 13.11 -4.59
CA GLN A 283 16.11 14.13 -5.61
CA GLN A 283 16.19 14.19 -5.59
C GLN A 283 15.35 15.43 -5.25
C GLN A 283 15.27 15.40 -5.33
N TRP A 284 14.40 15.34 -4.33
CA TRP A 284 13.51 16.47 -3.96
C TRP A 284 14.04 17.36 -2.82
N GLU A 285 14.99 16.86 -2.04
CA GLU A 285 15.60 17.68 -0.98
C GLU A 285 16.37 18.87 -1.56
N PRO A 286 16.21 20.08 -0.99
CA PRO A 286 16.91 21.24 -1.57
C PRO A 286 18.44 21.21 -1.37
N ASP A 287 19.18 21.56 -2.42
CA ASP A 287 20.65 21.69 -2.37
C ASP A 287 21.39 20.42 -1.92
N VAL A 288 20.88 19.25 -2.31
CA VAL A 288 21.49 17.98 -1.96
C VAL A 288 22.07 17.37 -3.22
N PRO A 289 23.41 17.21 -3.29
CA PRO A 289 24.03 16.62 -4.48
C PRO A 289 23.90 15.09 -4.48
N GLU A 290 23.97 14.49 -5.67
CA GLU A 290 23.96 13.03 -5.80
C GLU A 290 25.28 12.43 -5.29
N VAL A 291 25.17 11.18 -4.87
CA VAL A 291 26.20 10.39 -4.21
C VAL A 291 26.91 9.55 -5.28
N GLU A 292 28.08 9.00 -4.97
CA GLU A 292 28.78 8.06 -5.86
C GLU A 292 28.17 6.65 -5.80
N PRO A 293 27.68 6.12 -6.94
CA PRO A 293 27.16 4.74 -6.91
C PRO A 293 28.21 3.62 -6.84
N TYR A 294 29.43 3.87 -7.35
CA TYR A 294 30.46 2.85 -7.42
C TYR A 294 31.71 3.23 -6.60
N ARG A 295 31.55 3.17 -5.27
CA ARG A 295 32.70 3.30 -4.34
C ARG A 295 33.55 2.03 -4.39
N PRO A 296 34.79 2.07 -3.85
CA PRO A 296 35.61 0.86 -3.85
C PRO A 296 34.98 -0.39 -3.20
N SER A 297 34.20 -0.21 -2.14
CA SER A 297 33.49 -1.33 -1.50
C SER A 297 32.45 -1.96 -2.43
N ASP A 298 31.76 -1.11 -3.21
CA ASP A 298 30.81 -1.58 -4.22
C ASP A 298 31.51 -2.40 -5.31
N GLN A 299 32.65 -1.88 -5.80
N GLN A 299 32.64 -1.87 -5.81
CA GLN A 299 33.42 -2.57 -6.84
CA GLN A 299 33.45 -2.54 -6.83
C GLN A 299 33.93 -3.93 -6.38
C GLN A 299 33.92 -3.93 -6.38
N ALA A 300 34.36 -4.02 -5.12
CA ALA A 300 34.80 -5.30 -4.53
C ALA A 300 33.68 -6.35 -4.46
N ALA A 301 32.48 -5.92 -4.05
CA ALA A 301 31.32 -6.83 -4.05
C ALA A 301 30.97 -7.32 -5.46
N ILE A 302 31.04 -6.42 -6.45
CA ILE A 302 30.78 -6.78 -7.85
C ILE A 302 31.81 -7.78 -8.40
N ALA A 303 33.09 -7.61 -8.05
CA ALA A 303 34.14 -8.54 -8.48
C ALA A 303 33.91 -9.99 -8.02
N GLN A 304 33.26 -10.15 -6.86
CA GLN A 304 32.93 -11.48 -6.30
C GLN A 304 31.89 -12.27 -7.09
N LEU A 305 31.11 -11.60 -7.95
CA LEU A 305 30.11 -12.29 -8.77
C LEU A 305 30.70 -13.33 -9.74
N ALA A 306 31.92 -13.11 -10.22
CA ALA A 306 32.48 -13.89 -11.34
C ALA A 306 32.60 -15.40 -11.11
N ASP A 307 32.92 -15.80 -9.88
CA ASP A 307 32.99 -17.22 -9.51
C ASP A 307 32.04 -17.60 -8.36
N HIS A 308 30.97 -16.83 -8.17
CA HIS A 308 30.00 -17.04 -7.08
C HIS A 308 29.39 -18.42 -7.17
N ALA A 309 29.26 -19.08 -6.02
CA ALA A 309 28.50 -20.31 -5.88
C ALA A 309 27.44 -20.07 -4.79
N PRO A 310 26.25 -20.68 -4.94
CA PRO A 310 25.27 -20.57 -3.84
C PRO A 310 25.82 -21.09 -2.51
N PRO A 311 25.54 -20.40 -1.39
CA PRO A 311 25.94 -20.92 -0.07
C PRO A 311 25.39 -22.32 0.20
N GLU A 312 26.05 -23.06 1.07
CA GLU A 312 25.63 -24.44 1.38
C GLU A 312 24.23 -24.49 1.99
N GLN A 313 23.88 -23.48 2.77
CA GLN A 313 22.55 -23.38 3.40
C GLN A 313 21.43 -22.79 2.51
N TYR A 314 21.76 -22.37 1.28
CA TYR A 314 20.73 -21.97 0.30
C TYR A 314 19.99 -23.21 -0.18
N GLN A 315 18.67 -23.11 -0.21
N GLN A 315 18.67 -23.17 -0.14
CA GLN A 315 17.78 -24.21 -0.57
CA GLN A 315 17.87 -24.30 -0.60
C GLN A 315 16.97 -23.82 -1.82
C GLN A 315 17.00 -23.88 -1.79
N PRO A 316 17.34 -24.36 -3.00
CA PRO A 316 16.54 -24.02 -4.19
C PRO A 316 15.15 -24.67 -4.19
N LEU A 317 14.19 -24.02 -4.86
CA LEU A 317 12.88 -24.62 -5.07
C LEU A 317 13.01 -25.97 -5.76
N ALA A 318 12.25 -26.95 -5.29
CA ALA A 318 12.25 -28.31 -5.84
C ALA A 318 10.88 -28.93 -5.60
N THR A 319 9.90 -28.47 -6.37
CA THR A 319 8.50 -28.86 -6.17
C THR A 319 8.01 -29.73 -7.33
N SER A 320 6.70 -29.95 -7.39
CA SER A 320 6.04 -30.66 -8.49
C SER A 320 4.93 -29.80 -9.05
N LYS A 321 4.47 -30.14 -10.26
CA LYS A 321 3.33 -29.45 -10.87
C LYS A 321 2.06 -29.61 -10.04
N ALA A 322 1.82 -30.82 -9.52
CA ALA A 322 0.65 -31.09 -8.69
C ALA A 322 0.59 -30.21 -7.43
N SER A 324 2.36 -27.22 -6.88
N SER A 324 2.35 -27.23 -6.88
CA SER A 324 2.22 -25.80 -7.25
CA SER A 324 2.24 -25.82 -7.29
C SER A 324 0.80 -25.46 -7.74
C SER A 324 0.82 -25.47 -7.75
N ASP A 325 0.19 -26.39 -8.50
CA ASP A 325 -1.21 -26.23 -8.94
C ASP A 325 -2.19 -26.05 -7.77
N VAL A 326 -2.09 -26.88 -6.73
CA VAL A 326 -3.03 -26.76 -5.60
C VAL A 326 -2.77 -25.50 -4.75
N THR A 328 -1.57 -22.67 -5.87
CA THR A 328 -2.13 -21.59 -6.70
C THR A 328 -3.67 -21.57 -6.62
N LYS A 329 -4.29 -22.75 -6.68
CA LYS A 329 -5.76 -22.86 -6.58
C LYS A 329 -6.30 -22.29 -5.25
N LEU A 330 -5.61 -22.57 -4.15
CA LEU A 330 -6.04 -22.02 -2.85
C LEU A 330 -6.02 -20.48 -2.82
N ALA A 331 -5.08 -19.86 -3.53
CA ALA A 331 -4.97 -18.40 -3.62
C ALA A 331 -5.95 -17.75 -4.60
N LEU A 332 -6.35 -18.48 -5.66
CA LEU A 332 -7.17 -17.91 -6.74
C LEU A 332 -8.65 -18.39 -6.79
N ASP A 333 -9.00 -19.41 -6.02
CA ASP A 333 -10.36 -19.98 -5.99
C ASP A 333 -10.91 -19.91 -4.56
N PRO A 334 -11.76 -18.90 -4.26
CA PRO A 334 -12.29 -18.74 -2.89
C PRO A 334 -13.07 -19.93 -2.34
N LYS A 335 -13.72 -20.68 -3.23
CA LYS A 335 -14.51 -21.86 -2.84
C LYS A 335 -13.60 -23.03 -2.42
N ALA A 336 -12.51 -23.22 -3.15
CA ALA A 336 -11.51 -24.24 -2.80
C ALA A 336 -10.87 -23.92 -1.45
N LEU A 337 -10.52 -22.65 -1.23
CA LEU A 337 -9.99 -22.21 0.07
C LEU A 337 -10.97 -22.49 1.22
N ALA A 338 -12.24 -22.18 1.01
CA ALA A 338 -13.26 -22.45 2.04
C ALA A 338 -13.39 -23.94 2.37
N ASP A 339 -13.35 -24.79 1.34
CA ASP A 339 -13.39 -26.25 1.53
C ASP A 339 -12.17 -26.77 2.30
N TYR A 340 -11.00 -26.25 1.97
CA TYR A 340 -9.76 -26.63 2.66
C TYR A 340 -9.81 -26.24 4.14
N LYS A 341 -10.22 -25.00 4.43
CA LYS A 341 -10.32 -24.53 5.82
C LYS A 341 -11.32 -25.34 6.66
N ALA A 342 -12.42 -25.78 6.04
CA ALA A 342 -13.43 -26.60 6.71
C ALA A 342 -12.94 -28.01 7.06
N ASP A 343 -12.08 -28.60 6.23
CA ASP A 343 -11.56 -29.96 6.48
C ASP A 343 -10.24 -30.20 5.73
N HIS A 344 -9.13 -29.91 6.41
CA HIS A 344 -7.77 -30.06 5.83
C HIS A 344 -7.51 -31.49 5.31
N ARG A 345 -7.88 -32.49 6.11
CA ARG A 345 -7.63 -33.90 5.77
C ARG A 345 -8.41 -34.35 4.55
N ALA A 346 -9.71 -34.07 4.55
CA ALA A 346 -10.59 -34.44 3.43
C ALA A 346 -10.17 -33.77 2.12
N PHE A 347 -9.83 -32.48 2.21
CA PHE A 347 -9.38 -31.73 1.04
C PHE A 347 -8.07 -32.31 0.50
N ALA A 348 -7.11 -32.56 1.40
CA ALA A 348 -5.80 -33.08 0.99
C ALA A 348 -5.87 -34.46 0.31
N GLN A 349 -6.82 -35.30 0.74
CA GLN A 349 -7.02 -36.60 0.12
C GLN A 349 -7.67 -36.52 -1.28
N SER A 350 -8.41 -35.45 -1.55
CA SER A 350 -9.09 -35.23 -2.84
C SER A 350 -8.18 -34.76 -3.99
N VAL A 351 -7.01 -34.20 -3.68
CA VAL A 351 -6.17 -33.55 -4.70
C VAL A 351 -5.45 -34.63 -5.53
N PRO A 352 -5.60 -34.59 -6.87
CA PRO A 352 -4.94 -35.63 -7.68
C PRO A 352 -3.43 -35.43 -7.83
N ASP A 353 -2.71 -36.55 -7.94
CA ASP A 353 -1.28 -36.61 -8.31
C ASP A 353 -0.25 -36.14 -7.25
N LEU A 354 -0.68 -35.83 -6.03
CA LEU A 354 0.26 -35.49 -4.96
C LEU A 354 1.01 -36.73 -4.46
N THR A 355 2.27 -36.57 -4.08
CA THR A 355 3.04 -37.64 -3.43
C THR A 355 2.57 -37.78 -1.97
N PRO A 356 2.95 -38.89 -1.30
CA PRO A 356 2.65 -39.03 0.13
C PRO A 356 3.23 -37.92 1.01
N GLN A 357 4.45 -37.47 0.73
CA GLN A 357 5.06 -36.33 1.44
C GLN A 357 4.21 -35.06 1.26
N GLU A 358 3.82 -34.78 0.02
CA GLU A 358 3.02 -33.60 -0.31
C GLU A 358 1.63 -33.62 0.35
N ARG A 359 0.98 -34.78 0.32
CA ARG A 359 -0.38 -34.93 0.87
C ARG A 359 -0.40 -34.71 2.40
N ALA A 360 0.60 -35.26 3.09
CA ALA A 360 0.76 -35.06 4.53
C ALA A 360 1.07 -33.60 4.90
N ALA A 361 1.94 -32.95 4.12
CA ALA A 361 2.29 -31.55 4.36
C ALA A 361 1.09 -30.63 4.20
N LEU A 362 0.26 -30.90 3.19
CA LEU A 362 -0.97 -30.13 2.95
C LEU A 362 -2.01 -30.34 4.06
N GLU A 363 -2.15 -31.58 4.55
CA GLU A 363 -3.06 -31.83 5.68
C GLU A 363 -2.68 -30.99 6.92
N LEU A 364 -1.39 -30.88 7.21
CA LEU A 364 -0.91 -30.04 8.33
C LEU A 364 -1.10 -28.56 8.02
N GLY A 365 -0.58 -28.13 6.88
CA GLY A 365 -0.69 -26.73 6.46
C GLY A 365 0.27 -25.75 7.11
N ASP A 366 1.18 -26.23 7.96
CA ASP A 366 2.16 -25.38 8.62
C ASP A 366 3.21 -24.94 7.63
N SER A 367 3.77 -23.76 7.88
CA SER A 367 4.83 -23.20 7.03
C SER A 367 6.04 -24.14 6.89
N TRP A 368 6.48 -24.73 7.99
CA TRP A 368 7.63 -25.67 7.98
C TRP A 368 7.38 -26.87 7.05
N ALA A 369 6.14 -27.36 7.05
CA ALA A 369 5.78 -28.57 6.30
C ALA A 369 5.67 -28.30 4.80
N ILE A 370 5.03 -27.19 4.43
CA ILE A 370 4.90 -26.78 3.03
C ILE A 370 6.29 -26.49 2.42
N ARG A 371 7.18 -25.86 3.21
N ARG A 371 7.16 -25.81 3.17
CA ARG A 371 8.56 -25.60 2.77
CA ARG A 371 8.52 -25.51 2.70
C ARG A 371 9.38 -26.88 2.60
C ARG A 371 9.29 -26.80 2.46
N CYS A 372 9.26 -27.83 3.53
N CYS A 372 9.24 -27.70 3.44
CA CYS A 372 9.92 -29.14 3.39
CA CYS A 372 9.90 -28.99 3.33
C CYS A 372 9.49 -29.85 2.10
C CYS A 372 9.49 -29.77 2.07
N ALA A 373 8.20 -29.80 1.78
CA ALA A 373 7.66 -30.46 0.58
C ALA A 373 8.07 -29.78 -0.72
N LYS A 375 10.66 -27.71 -1.20
CA LYS A 375 12.12 -27.61 -1.36
C LYS A 375 12.88 -28.94 -1.17
N ASN A 376 12.16 -30.06 -1.08
CA ASN A 376 12.75 -31.41 -0.99
C ASN A 376 13.78 -31.53 0.15
N PRO A 378 14.87 -32.73 4.16
CA PRO A 378 14.55 -33.95 4.93
C PRO A 378 13.58 -33.74 6.10
N SER A 379 12.72 -34.73 6.33
CA SER A 379 11.80 -34.75 7.47
C SER A 379 11.43 -36.20 7.75
N SER A 380 11.78 -36.69 8.94
CA SER A 380 11.54 -38.09 9.31
C SER A 380 10.05 -38.42 9.24
N LEU A 381 9.21 -37.51 9.74
CA LEU A 381 7.75 -37.68 9.70
C LEU A 381 7.23 -37.70 8.26
N LEU A 382 7.57 -36.68 7.48
CA LEU A 382 7.06 -36.58 6.10
C LEU A 382 7.62 -37.68 5.17
N ASP A 383 8.89 -38.07 5.37
CA ASP A 383 9.48 -39.19 4.62
C ASP A 383 8.95 -40.58 5.03
N ALA A 384 8.31 -40.68 6.19
CA ALA A 384 7.62 -41.90 6.62
C ALA A 384 6.21 -42.09 6.01
N ALA A 385 5.67 -41.05 5.36
CA ALA A 385 4.31 -41.09 4.80
C ALA A 385 4.13 -42.17 3.73
N THR B 6 15.35 5.99 -29.70
CA THR B 6 15.81 5.93 -28.27
C THR B 6 16.64 4.68 -27.97
N LYS B 7 17.28 4.70 -26.79
CA LYS B 7 18.25 3.67 -26.39
C LYS B 7 17.58 2.34 -26.06
N ALA B 8 18.13 1.22 -26.55
CA ALA B 8 17.57 -0.10 -26.26
C ALA B 8 17.90 -0.50 -24.81
N GLY B 9 16.91 -1.04 -24.10
CA GLY B 9 17.08 -1.54 -22.73
C GLY B 9 16.20 -0.79 -21.74
N SER B 10 15.60 -1.53 -20.79
CA SER B 10 14.73 -0.93 -19.79
C SER B 10 14.69 -1.75 -18.52
N LEU B 11 14.34 -1.10 -17.41
CA LEU B 11 14.16 -1.76 -16.11
C LEU B 11 12.81 -1.40 -15.53
N THR B 12 12.00 -2.41 -15.22
CA THR B 12 10.71 -2.24 -14.55
C THR B 12 10.74 -3.08 -13.28
N ILE B 13 10.51 -2.47 -12.12
CA ILE B 13 10.54 -3.22 -10.85
C ILE B 13 9.12 -3.28 -10.29
N VAL B 14 8.68 -4.49 -9.96
CA VAL B 14 7.31 -4.79 -9.52
C VAL B 14 7.31 -5.54 -8.18
N GLY B 15 6.15 -5.56 -7.51
CA GLY B 15 5.93 -6.29 -6.27
C GLY B 15 5.03 -7.51 -6.40
N THR B 16 5.03 -8.35 -5.37
CA THR B 16 4.10 -9.49 -5.31
C THR B 16 3.07 -9.41 -4.17
N GLY B 17 3.08 -8.35 -3.36
CA GLY B 17 2.22 -8.32 -2.16
C GLY B 17 2.75 -9.28 -1.09
N ILE B 18 2.01 -9.43 0.01
CA ILE B 18 2.50 -10.20 1.19
C ILE B 18 1.94 -11.63 1.20
N GLU B 19 0.62 -11.75 1.09
CA GLU B 19 -0.06 -13.05 1.07
C GLU B 19 0.14 -13.73 -0.29
N SER B 20 0.57 -14.99 -0.25
CA SER B 20 1.01 -15.74 -1.45
C SER B 20 0.06 -15.65 -2.64
N ILE B 21 0.59 -15.17 -3.76
CA ILE B 21 -0.06 -15.12 -5.08
C ILE B 21 -1.24 -14.13 -5.18
N GLY B 22 -2.22 -14.25 -4.30
CA GLY B 22 -3.41 -13.43 -4.36
C GLY B 22 -3.21 -11.93 -4.26
N GLN B 23 -2.14 -11.49 -3.59
CA GLN B 23 -1.89 -10.05 -3.42
C GLN B 23 -0.99 -9.43 -4.49
N THR B 25 -0.60 -7.72 -8.13
CA THR B 25 -1.48 -6.93 -9.01
C THR B 25 -1.49 -7.51 -10.44
N LEU B 26 -2.57 -7.24 -11.18
CA LEU B 26 -2.69 -7.69 -12.56
C LEU B 26 -1.55 -7.19 -13.45
N GLN B 27 -1.13 -5.93 -13.25
CA GLN B 27 0.00 -5.38 -14.05
C GLN B 27 1.37 -5.98 -13.66
N ALA B 28 1.61 -6.27 -12.39
CA ALA B 28 2.84 -6.96 -12.02
C ALA B 28 2.94 -8.30 -12.78
N LEU B 29 1.84 -9.05 -12.80
CA LEU B 29 1.80 -10.32 -13.53
C LEU B 29 2.09 -10.14 -15.04
N SER B 30 1.42 -9.17 -15.68
N SER B 30 1.41 -9.16 -15.66
CA SER B 30 1.60 -8.98 -17.13
CA SER B 30 1.57 -8.90 -17.09
C SER B 30 3.03 -8.54 -17.52
C SER B 30 3.00 -8.53 -17.51
N TYR B 31 3.66 -7.71 -16.69
CA TYR B 31 5.06 -7.29 -16.96
C TYR B 31 6.03 -8.46 -16.73
N ILE B 32 5.80 -9.29 -15.72
CA ILE B 32 6.60 -10.53 -15.54
C ILE B 32 6.50 -11.43 -16.78
N GLU B 33 5.29 -11.63 -17.30
CA GLU B 33 5.07 -12.47 -18.49
C GLU B 33 5.79 -11.94 -19.74
N ALA B 34 5.81 -10.61 -19.91
CA ALA B 34 6.38 -9.96 -21.10
C ALA B 34 7.89 -9.76 -21.07
N ALA B 35 8.52 -9.91 -19.91
CA ALA B 35 9.95 -9.60 -19.74
C ALA B 35 10.89 -10.49 -20.55
N ALA B 36 12.00 -9.93 -20.99
CA ALA B 36 13.08 -10.72 -21.60
C ALA B 36 13.81 -11.56 -20.55
N LYS B 37 13.98 -11.01 -19.34
CA LYS B 37 14.57 -11.73 -18.20
C LYS B 37 13.98 -11.19 -16.90
N VAL B 38 13.80 -12.08 -15.93
CA VAL B 38 13.22 -11.76 -14.60
C VAL B 38 14.22 -12.08 -13.48
N PHE B 39 14.43 -11.13 -12.57
CA PHE B 39 15.18 -11.35 -11.32
C PHE B 39 14.21 -11.18 -10.15
N TYR B 40 14.16 -12.14 -9.22
CA TYR B 40 13.18 -12.10 -8.12
C TYR B 40 13.76 -12.35 -6.71
N VAL B 42 11.72 -13.21 -3.27
CA VAL B 42 10.48 -13.46 -2.52
C VAL B 42 10.78 -14.45 -1.41
N ILE B 43 9.89 -14.54 -0.41
CA ILE B 43 10.19 -15.36 0.78
C ILE B 43 9.18 -16.47 1.06
N ASP B 44 8.36 -16.84 0.09
N ASP B 44 8.51 -16.96 0.02
CA ASP B 44 7.61 -18.09 0.18
CA ASP B 44 7.44 -17.96 0.12
C ASP B 44 7.66 -18.89 -1.10
C ASP B 44 7.43 -18.88 -1.13
N PRO B 45 7.60 -20.21 -0.96
CA PRO B 45 7.78 -21.10 -2.12
C PRO B 45 6.65 -21.13 -3.15
N ALA B 46 5.40 -20.98 -2.72
CA ALA B 46 4.29 -21.03 -3.69
C ALA B 46 4.33 -19.82 -4.66
N THR B 47 4.66 -18.64 -4.14
CA THR B 47 4.86 -17.44 -4.97
C THR B 47 6.04 -17.64 -5.94
N GLU B 48 7.15 -18.16 -5.45
CA GLU B 48 8.29 -18.49 -6.31
C GLU B 48 7.89 -19.46 -7.44
N ALA B 49 7.21 -20.56 -7.09
CA ALA B 49 6.75 -21.52 -8.09
C ALA B 49 5.83 -20.87 -9.15
N PHE B 50 4.92 -20.02 -8.68
CA PHE B 50 3.99 -19.30 -9.58
C PHE B 50 4.77 -18.42 -10.58
N ILE B 51 5.73 -17.62 -10.10
CA ILE B 51 6.56 -16.77 -10.98
C ILE B 51 7.25 -17.62 -12.07
N LEU B 52 7.80 -18.78 -11.69
CA LEU B 52 8.50 -19.63 -12.66
C LEU B 52 7.58 -20.22 -13.74
N THR B 53 6.28 -20.35 -13.46
CA THR B 53 5.33 -20.76 -14.51
C THR B 53 5.03 -19.65 -15.54
N LYS B 54 5.34 -18.40 -15.20
CA LYS B 54 4.97 -17.24 -16.02
C LYS B 54 6.09 -16.72 -16.93
N ASN B 55 7.35 -17.08 -16.66
CA ASN B 55 8.46 -16.71 -17.55
C ASN B 55 9.52 -17.82 -17.48
N LYS B 56 10.03 -18.22 -18.64
CA LYS B 56 11.06 -19.28 -18.74
C LYS B 56 12.49 -18.82 -18.45
N ASN B 57 12.71 -17.51 -18.23
CA ASN B 57 14.06 -16.96 -18.03
C ASN B 57 14.18 -16.14 -16.72
N CYS B 58 14.23 -16.84 -15.59
CA CYS B 58 14.28 -16.21 -14.25
C CYS B 58 15.56 -16.56 -13.47
N VAL B 59 15.97 -15.62 -12.61
CA VAL B 59 17.08 -15.81 -11.67
C VAL B 59 16.63 -15.44 -10.25
N ASP B 60 16.88 -16.34 -9.30
CA ASP B 60 16.60 -16.09 -7.87
C ASP B 60 17.72 -15.26 -7.24
N LEU B 61 17.41 -14.02 -6.87
CA LEU B 61 18.37 -13.14 -6.17
C LEU B 61 18.72 -13.58 -4.73
N TYR B 62 17.88 -14.41 -4.11
CA TYR B 62 18.10 -14.85 -2.71
C TYR B 62 19.43 -15.58 -2.48
N GLN B 63 19.93 -16.24 -3.51
CA GLN B 63 21.24 -16.93 -3.46
C GLN B 63 22.45 -16.02 -3.16
N TYR B 64 22.27 -14.69 -3.29
CA TYR B 64 23.34 -13.72 -3.02
C TYR B 64 23.43 -13.20 -1.57
N TYR B 65 22.50 -13.65 -0.70
CA TYR B 65 22.68 -13.52 0.77
C TYR B 65 23.65 -14.60 1.27
N ASP B 66 24.24 -14.38 2.45
CA ASP B 66 25.03 -15.41 3.14
C ASP B 66 25.20 -15.11 4.63
N ASN B 67 25.45 -16.17 5.41
CA ASN B 67 25.76 -16.07 6.84
C ASN B 67 26.97 -15.17 7.05
N GLY B 68 26.82 -14.12 7.86
CA GLY B 68 27.91 -13.18 8.15
C GLY B 68 28.28 -12.20 7.06
N LYS B 69 27.52 -12.18 5.95
CA LYS B 69 27.80 -11.31 4.81
C LYS B 69 26.95 -10.06 4.95
N SER B 70 27.57 -8.89 4.82
CA SER B 70 26.85 -7.63 4.98
C SER B 70 25.74 -7.53 3.93
N ARG B 71 24.57 -7.06 4.37
CA ARG B 71 23.44 -6.91 3.46
C ARG B 71 23.74 -5.88 2.36
N LEU B 72 24.54 -4.86 2.68
CA LEU B 72 24.94 -3.84 1.68
C LEU B 72 25.70 -4.47 0.49
N ASN B 73 26.58 -5.43 0.76
CA ASN B 73 27.27 -6.16 -0.32
C ASN B 73 26.30 -6.98 -1.19
N THR B 74 25.39 -7.70 -0.55
CA THR B 74 24.32 -8.43 -1.28
C THR B 74 23.50 -7.46 -2.15
N TYR B 75 23.12 -6.30 -1.61
CA TYR B 75 22.31 -5.31 -2.35
C TYR B 75 23.05 -4.76 -3.58
N THR B 76 24.34 -4.49 -3.46
CA THR B 76 25.15 -4.04 -4.59
C THR B 76 25.16 -5.10 -5.70
N GLN B 77 25.33 -6.37 -5.32
CA GLN B 77 25.32 -7.49 -6.26
C GLN B 77 23.97 -7.65 -6.97
N SER B 79 21.58 -5.39 -7.47
N SER B 79 21.59 -5.40 -7.46
N SER B 79 21.59 -5.39 -7.46
CA SER B 79 21.38 -4.27 -8.38
CA SER B 79 21.41 -4.25 -8.37
CA SER B 79 21.42 -4.25 -8.35
C SER B 79 22.25 -4.37 -9.64
C SER B 79 22.25 -4.39 -9.64
C SER B 79 22.25 -4.37 -9.63
N GLU B 80 23.49 -4.82 -9.49
CA GLU B 80 24.41 -4.96 -10.64
C GLU B 80 23.99 -6.06 -11.63
N LEU B 81 23.47 -7.18 -11.13
CA LEU B 81 22.97 -8.24 -12.03
C LEU B 81 21.83 -7.71 -12.91
N VAL B 83 21.14 -4.33 -13.70
CA VAL B 83 21.59 -3.27 -14.59
C VAL B 83 22.51 -3.81 -15.72
N ARG B 84 23.30 -4.85 -15.44
CA ARG B 84 24.09 -5.49 -16.50
C ARG B 84 23.22 -5.97 -17.68
N GLU B 85 22.05 -6.51 -17.38
CA GLU B 85 21.14 -6.97 -18.44
C GLU B 85 20.47 -5.83 -19.20
N VAL B 86 20.19 -4.74 -18.50
CA VAL B 86 19.71 -3.51 -19.14
C VAL B 86 20.74 -2.99 -20.16
N ARG B 87 22.02 -2.98 -19.78
CA ARG B 87 23.10 -2.50 -20.65
C ARG B 87 23.30 -3.36 -21.92
N LYS B 88 22.86 -4.62 -21.87
CA LYS B 88 22.85 -5.51 -23.05
C LYS B 88 21.67 -5.23 -24.01
N GLY B 89 20.77 -4.32 -23.62
CA GLY B 89 19.64 -3.88 -24.46
C GLY B 89 18.34 -4.62 -24.23
N LEU B 90 18.20 -5.27 -23.08
CA LEU B 90 17.03 -6.12 -22.81
C LEU B 90 15.99 -5.40 -21.94
N ASP B 91 14.73 -5.81 -22.08
CA ASP B 91 13.66 -5.34 -21.20
C ASP B 91 13.62 -6.26 -19.99
N VAL B 92 14.11 -5.74 -18.87
CA VAL B 92 14.34 -6.51 -17.64
C VAL B 92 13.25 -6.16 -16.61
N VAL B 93 12.79 -7.18 -15.89
CA VAL B 93 11.86 -6.98 -14.76
C VAL B 93 12.50 -7.52 -13.47
N GLY B 94 12.51 -6.68 -12.44
CA GLY B 94 12.87 -7.09 -11.08
C GLY B 94 11.60 -7.25 -10.24
N VAL B 95 11.61 -8.23 -9.32
CA VAL B 95 10.45 -8.59 -8.50
C VAL B 95 10.87 -8.69 -7.03
N PHE B 96 10.19 -7.93 -6.15
CA PHE B 96 10.43 -7.98 -4.69
C PHE B 96 9.10 -8.19 -3.97
N TYR B 97 9.09 -8.99 -2.91
CA TYR B 97 7.83 -9.22 -2.19
C TYR B 97 7.28 -7.93 -1.54
N GLY B 98 5.95 -7.87 -1.41
CA GLY B 98 5.25 -6.67 -0.90
C GLY B 98 5.20 -5.56 -1.93
N HIS B 99 5.51 -4.34 -1.50
CA HIS B 99 5.76 -3.16 -2.37
C HIS B 99 7.28 -3.10 -2.58
N PRO B 100 7.73 -3.05 -3.84
CA PRO B 100 9.19 -3.21 -4.10
C PRO B 100 10.07 -2.00 -3.71
N GLY B 101 9.46 -0.92 -3.23
CA GLY B 101 10.20 0.26 -2.75
C GLY B 101 9.91 0.65 -1.31
N VAL B 102 9.30 -0.24 -0.53
CA VAL B 102 8.97 0.02 0.88
C VAL B 102 9.89 -0.86 1.72
N PHE B 103 10.86 -0.23 2.39
CA PHE B 103 11.94 -0.91 3.12
C PHE B 103 12.69 -1.91 2.23
N VAL B 104 13.05 -1.45 1.02
CA VAL B 104 13.84 -2.24 0.07
C VAL B 104 14.97 -1.36 -0.49
N ASN B 105 16.20 -1.76 -0.26
N ASN B 105 16.22 -1.74 -0.25
CA ASN B 105 17.38 -1.03 -0.72
CA ASN B 105 17.37 -1.00 -0.77
C ASN B 105 17.71 -1.20 -2.23
C ASN B 105 17.68 -1.19 -2.27
N PRO B 106 17.85 -2.45 -2.73
CA PRO B 106 18.42 -2.62 -4.10
C PRO B 106 17.58 -2.15 -5.29
N SER B 107 16.27 -2.08 -5.13
CA SER B 107 15.38 -1.58 -6.19
C SER B 107 15.65 -0.11 -6.53
N HIS B 108 15.68 0.75 -5.50
CA HIS B 108 15.98 2.19 -5.70
CA HIS B 108 15.93 2.18 -5.72
C HIS B 108 17.33 2.40 -6.35
N ARG B 109 18.33 1.64 -5.90
CA ARG B 109 19.70 1.73 -6.43
C ARG B 109 19.73 1.40 -7.93
N ALA B 110 19.16 0.25 -8.30
CA ALA B 110 19.18 -0.21 -9.71
C ALA B 110 18.45 0.76 -10.64
N LEU B 111 17.27 1.24 -10.21
CA LEU B 111 16.50 2.20 -11.00
C LEU B 111 17.24 3.53 -11.21
N ALA B 112 17.90 4.01 -10.16
CA ALA B 112 18.64 5.28 -10.24
C ALA B 112 19.83 5.17 -11.20
N ILE B 113 20.55 4.04 -11.16
CA ILE B 113 21.67 3.80 -12.09
C ILE B 113 21.16 3.71 -13.54
N ALA B 114 20.11 2.93 -13.77
CA ALA B 114 19.54 2.81 -15.13
C ALA B 114 19.11 4.18 -15.70
N LYS B 115 18.41 4.99 -14.90
N LYS B 115 18.42 4.98 -14.89
CA LYS B 115 17.97 6.32 -15.34
CA LYS B 115 17.95 6.31 -15.28
C LYS B 115 19.14 7.25 -15.65
C LYS B 115 19.11 7.26 -15.60
N SER B 116 20.16 7.24 -14.78
CA SER B 116 21.35 8.10 -14.98
C SER B 116 22.14 7.76 -16.27
N GLU B 117 22.07 6.51 -16.72
CA GLU B 117 22.73 6.09 -17.97
C GLU B 117 21.84 6.20 -19.23
N GLY B 118 20.63 6.75 -19.09
CA GLY B 118 19.74 7.03 -20.21
C GLY B 118 18.75 5.94 -20.63
N TYR B 119 18.54 4.94 -19.77
CA TYR B 119 17.57 3.86 -20.04
C TYR B 119 16.23 4.18 -19.39
N ARG B 120 15.16 3.62 -19.95
N ARG B 120 15.15 3.63 -19.94
CA ARG B 120 13.82 3.71 -19.37
CA ARG B 120 13.82 3.77 -19.37
C ARG B 120 13.82 2.97 -18.03
C ARG B 120 13.73 2.95 -18.07
N ALA B 121 13.22 3.57 -17.00
CA ALA B 121 13.22 2.98 -15.65
C ALA B 121 11.93 3.36 -14.91
N ARG B 122 11.21 2.37 -14.39
CA ARG B 122 9.93 2.60 -13.69
C ARG B 122 9.70 1.59 -12.56
N LEU B 124 6.57 -0.06 -10.34
CA LEU B 124 5.11 -0.27 -10.20
C LEU B 124 4.81 -0.61 -8.73
N PRO B 125 3.89 0.14 -8.07
CA PRO B 125 3.61 -0.09 -6.65
C PRO B 125 2.94 -1.46 -6.36
N GLY B 126 3.08 -1.95 -5.13
CA GLY B 126 2.41 -3.15 -4.65
C GLY B 126 1.86 -2.97 -3.25
N VAL B 127 1.25 -4.05 -2.74
CA VAL B 127 0.65 -4.10 -1.40
C VAL B 127 1.75 -4.38 -0.35
N SER B 128 1.99 -3.43 0.56
CA SER B 128 3.05 -3.55 1.58
C SER B 128 2.56 -4.22 2.87
N ALA B 129 3.49 -4.53 3.77
CA ALA B 129 3.11 -5.05 5.10
C ALA B 129 2.31 -4.03 5.91
N GLU B 130 2.54 -2.73 5.68
CA GLU B 130 1.75 -1.67 6.35
C GLU B 130 0.32 -1.64 5.82
N ASP B 131 0.14 -1.84 4.50
CA ASP B 131 -1.21 -1.96 3.92
C ASP B 131 -1.98 -3.13 4.56
N CYS B 132 -1.30 -4.27 4.73
CA CYS B 132 -1.90 -5.43 5.41
C CYS B 132 -2.25 -5.09 6.87
N LEU B 133 -1.34 -4.40 7.55
CA LEU B 133 -1.55 -4.01 8.95
C LEU B 133 -2.84 -3.18 9.13
N PHE B 134 -3.03 -2.16 8.29
CA PHE B 134 -4.25 -1.36 8.35
C PHE B 134 -5.51 -2.24 8.21
N ALA B 135 -5.50 -3.15 7.23
CA ALA B 135 -6.64 -4.03 6.96
C ALA B 135 -6.93 -5.02 8.11
N ASP B 136 -5.90 -5.62 8.67
CA ASP B 136 -6.06 -6.67 9.69
C ASP B 136 -6.30 -6.13 11.10
N LEU B 137 -5.70 -4.98 11.43
CA LEU B 137 -5.90 -4.34 12.75
C LEU B 137 -7.09 -3.38 12.77
N CYS B 138 -7.71 -3.16 11.61
CA CYS B 138 -8.93 -2.32 11.50
C CYS B 138 -8.67 -0.88 11.93
N ILE B 139 -7.63 -0.28 11.36
CA ILE B 139 -7.30 1.13 11.60
C ILE B 139 -7.13 1.84 10.25
N ASP B 140 -7.28 3.16 10.30
CA ASP B 140 -7.12 4.05 9.14
C ASP B 140 -5.99 5.03 9.48
N PRO B 141 -4.95 5.14 8.65
CA PRO B 141 -3.92 6.15 8.92
C PRO B 141 -4.45 7.59 9.12
N SER B 142 -5.57 7.94 8.49
N SER B 142 -5.57 7.94 8.50
CA SER B 142 -6.22 9.26 8.64
CA SER B 142 -6.18 9.27 8.64
C SER B 142 -6.53 9.66 10.09
C SER B 142 -6.59 9.66 10.06
N ASN B 143 -6.94 8.67 10.88
CA ASN B 143 -7.51 8.90 12.22
C ASN B 143 -6.69 8.09 13.23
N PRO B 144 -5.66 8.69 13.87
CA PRO B 144 -5.38 10.13 14.00
C PRO B 144 -3.98 10.53 13.48
N GLY B 145 -3.63 10.08 12.28
CA GLY B 145 -2.30 10.30 11.69
C GLY B 145 -1.42 9.09 11.92
N CYS B 146 -0.37 8.94 11.11
CA CYS B 146 0.52 7.76 11.20
C CYS B 146 1.99 8.13 11.01
N LEU B 147 2.82 7.69 11.98
CA LEU B 147 4.31 7.77 11.88
C LEU B 147 4.85 6.36 11.59
N THR B 148 5.71 6.23 10.58
CA THR B 148 6.29 4.94 10.17
C THR B 148 7.83 5.04 10.14
N TYR B 149 8.52 4.14 10.86
CA TYR B 149 9.99 4.15 10.96
C TYR B 149 10.58 2.74 10.83
N GLU B 150 11.85 2.69 10.42
CA GLU B 150 12.71 1.52 10.58
C GLU B 150 13.22 1.51 12.03
N ALA B 151 13.12 0.37 12.72
CA ALA B 151 13.39 0.30 14.17
C ALA B 151 14.79 0.76 14.59
N SER B 152 15.83 0.34 13.86
CA SER B 152 17.21 0.78 14.20
C SER B 152 17.43 2.28 13.95
N ASP B 153 16.93 2.79 12.82
CA ASP B 153 16.98 4.23 12.52
C ASP B 153 16.25 5.07 13.57
N PHE B 154 15.06 4.60 13.98
CA PHE B 154 14.27 5.19 15.08
C PHE B 154 15.11 5.42 16.35
N LEU B 155 15.90 4.42 16.69
CA LEU B 155 16.80 4.50 17.86
C LEU B 155 18.05 5.37 17.64
N ILE B 156 18.76 5.12 16.53
CA ILE B 156 20.07 5.77 16.27
C ILE B 156 19.92 7.30 16.10
N ARG B 157 18.88 7.73 15.39
CA ARG B 157 18.59 9.17 15.21
C ARG B 157 17.63 9.76 16.24
N ASP B 158 17.23 8.98 17.25
CA ASP B 158 16.30 9.44 18.29
C ASP B 158 15.10 10.16 17.68
N ARG B 159 14.43 9.48 16.76
CA ARG B 159 13.32 10.10 16.03
C ARG B 159 12.10 10.21 16.93
N PRO B 160 11.33 11.32 16.80
CA PRO B 160 10.22 11.58 17.72
C PRO B 160 9.03 10.64 17.54
N VAL B 161 8.35 10.30 18.64
CA VAL B 161 7.03 9.68 18.56
C VAL B 161 5.98 10.77 18.78
N SER B 162 4.73 10.45 18.45
CA SER B 162 3.58 11.24 18.84
C SER B 162 2.63 10.33 19.63
N ILE B 163 2.40 10.65 20.89
CA ILE B 163 1.48 9.86 21.73
C ILE B 163 0.00 9.99 21.33
N HIS B 164 -0.31 10.88 20.39
CA HIS B 164 -1.68 11.07 19.90
C HIS B 164 -1.92 10.52 18.47
N SER B 165 -0.90 9.93 17.85
CA SER B 165 -1.05 9.33 16.49
C SER B 165 -0.60 7.87 16.50
N HIS B 166 -0.95 7.12 15.44
CA HIS B 166 -0.46 5.73 15.25
C HIS B 166 1.07 5.74 15.12
N LEU B 167 1.72 4.67 15.62
CA LEU B 167 3.17 4.44 15.38
C LEU B 167 3.35 3.03 14.81
N VAL B 168 4.06 2.93 13.68
CA VAL B 168 4.38 1.63 13.05
C VAL B 168 5.90 1.47 12.91
N LEU B 169 6.44 0.36 13.42
CA LEU B 169 7.90 0.08 13.40
C LEU B 169 8.21 -1.22 12.63
N PHE B 170 8.95 -1.10 11.53
CA PHE B 170 9.43 -2.25 10.73
C PHE B 170 10.78 -2.73 11.28
N GLN B 171 11.11 -4.00 11.01
CA GLN B 171 12.45 -4.56 11.28
C GLN B 171 12.83 -4.57 12.76
N VAL B 172 11.81 -4.81 13.59
CA VAL B 172 11.98 -4.94 15.04
C VAL B 172 12.70 -6.24 15.42
N GLY B 173 12.75 -7.20 14.50
CA GLY B 173 13.49 -8.46 14.72
C GLY B 173 14.98 -8.44 14.40
N VAL B 175 17.39 -5.53 15.37
CA VAL B 175 17.84 -4.23 15.88
C VAL B 175 19.37 -4.13 15.90
N GLY B 176 19.92 -3.14 15.17
CA GLY B 176 21.37 -2.89 15.10
C GLY B 176 22.21 -3.88 14.32
N ILE B 177 21.57 -4.78 13.57
CA ILE B 177 22.23 -5.87 12.86
C ILE B 177 22.42 -5.50 11.39
N ALA B 178 23.65 -5.60 10.89
CA ALA B 178 23.97 -5.20 9.51
C ALA B 178 24.16 -6.36 8.54
N ASP B 179 24.17 -7.61 9.04
CA ASP B 179 24.44 -8.79 8.21
C ASP B 179 23.18 -9.71 8.11
N PHE B 180 23.41 -10.99 7.80
CA PHE B 180 22.34 -11.95 7.50
C PHE B 180 22.71 -13.31 8.09
N ASN B 181 21.70 -14.11 8.41
CA ASN B 181 21.87 -15.52 8.77
C ASN B 181 20.70 -16.34 8.26
N PHE B 182 20.99 -17.48 7.62
CA PHE B 182 19.94 -18.34 7.03
C PHE B 182 18.98 -18.93 8.07
N THR B 183 19.47 -19.22 9.27
CA THR B 183 18.65 -19.75 10.37
C THR B 183 17.88 -18.69 11.16
N GLY B 184 18.17 -17.40 10.91
CA GLY B 184 17.49 -16.29 11.57
C GLY B 184 18.45 -15.40 12.35
N PHE B 185 17.98 -14.21 12.72
CA PHE B 185 18.79 -13.24 13.47
C PHE B 185 18.88 -13.63 14.94
N ASP B 186 20.03 -13.32 15.55
CA ASP B 186 20.19 -13.34 17.00
C ASP B 186 19.93 -11.91 17.50
N ASN B 187 18.68 -11.65 17.90
CA ASN B 187 18.18 -10.29 18.16
C ASN B 187 18.48 -9.85 19.59
N ASN B 188 19.77 -9.84 19.95
CA ASN B 188 20.19 -9.60 21.34
C ASN B 188 20.29 -8.13 21.75
N LYS B 189 20.04 -7.19 20.83
CA LYS B 189 19.92 -5.76 21.15
C LYS B 189 18.44 -5.30 21.23
N PHE B 190 17.50 -6.24 21.18
CA PHE B 190 16.06 -5.95 21.28
C PHE B 190 15.65 -5.18 22.55
N GLY B 191 16.38 -5.39 23.65
CA GLY B 191 16.12 -4.68 24.90
C GLY B 191 16.33 -3.18 24.84
N VAL B 192 17.18 -2.72 23.92
CA VAL B 192 17.42 -1.30 23.70
C VAL B 192 16.15 -0.64 23.12
N LEU B 193 15.46 -1.34 22.22
CA LEU B 193 14.15 -0.87 21.71
C LEU B 193 13.08 -0.84 22.81
N VAL B 194 13.04 -1.88 23.64
CA VAL B 194 12.06 -1.96 24.73
C VAL B 194 12.25 -0.79 25.71
N ASP B 195 13.51 -0.49 26.07
CA ASP B 195 13.82 0.66 26.94
C ASP B 195 13.28 1.99 26.37
N ARG B 196 13.46 2.23 25.06
CA ARG B 196 12.98 3.45 24.39
C ARG B 196 11.45 3.53 24.43
N LEU B 197 10.78 2.42 24.14
CA LEU B 197 9.31 2.38 24.19
C LEU B 197 8.77 2.65 25.61
N GLU B 198 9.44 2.12 26.63
CA GLU B 198 9.06 2.39 28.02
C GLU B 198 9.21 3.86 28.38
N GLN B 199 10.33 4.48 27.96
CA GLN B 199 10.56 5.92 28.19
C GLN B 199 9.49 6.82 27.56
N GLU B 200 9.04 6.48 26.35
CA GLU B 200 8.09 7.31 25.62
C GLU B 200 6.61 7.06 25.98
N TYR B 201 6.26 5.82 26.31
CA TYR B 201 4.86 5.41 26.52
C TYR B 201 4.48 4.88 27.92
N GLY B 202 5.46 4.40 28.68
CA GLY B 202 5.20 3.79 30.00
C GLY B 202 5.12 2.28 29.93
N ALA B 203 5.38 1.62 31.07
CA ALA B 203 5.50 0.16 31.12
C ALA B 203 4.24 -0.63 30.80
N GLU B 204 3.06 -0.08 31.08
CA GLU B 204 1.80 -0.80 30.87
C GLU B 204 1.07 -0.43 29.56
N HIS B 205 1.69 0.38 28.71
CA HIS B 205 1.08 0.75 27.42
C HIS B 205 1.10 -0.44 26.44
N PRO B 206 0.01 -0.63 25.65
CA PRO B 206 0.00 -1.76 24.70
C PRO B 206 0.93 -1.63 23.48
N VAL B 207 1.52 -2.77 23.09
CA VAL B 207 2.24 -2.91 21.82
C VAL B 207 1.63 -4.13 21.12
N VAL B 208 1.20 -3.97 19.86
CA VAL B 208 0.64 -5.09 19.09
C VAL B 208 1.74 -5.71 18.22
N HIS B 209 2.02 -6.99 18.47
CA HIS B 209 2.94 -7.80 17.62
C HIS B 209 2.14 -8.28 16.41
N TYR B 210 2.51 -7.78 15.21
CA TYR B 210 1.79 -8.08 13.96
C TYR B 210 2.62 -8.90 12.96
N ILE B 211 2.07 -10.04 12.54
CA ILE B 211 2.58 -10.81 11.39
C ILE B 211 1.41 -11.12 10.46
N ALA B 212 1.41 -10.50 9.28
CA ALA B 212 0.40 -10.79 8.25
C ALA B 212 0.51 -12.24 7.81
N ALA B 213 -0.64 -12.88 7.57
CA ALA B 213 -0.66 -14.24 6.99
C ALA B 213 0.05 -14.28 5.63
N PRO B 216 -2.67 -18.39 2.16
CA PRO B 216 -4.09 -17.95 2.14
C PRO B 216 -5.03 -18.53 3.23
N HIS B 217 -4.68 -19.69 3.77
CA HIS B 217 -5.45 -20.32 4.85
C HIS B 217 -5.08 -19.85 6.26
N GLN B 218 -3.96 -19.12 6.40
CA GLN B 218 -3.49 -18.70 7.73
C GLN B 218 -4.22 -17.47 8.25
N ASP B 219 -4.28 -17.36 9.58
CA ASP B 219 -4.75 -16.13 10.24
C ASP B 219 -3.53 -15.27 10.59
N PRO B 220 -3.71 -13.94 10.61
CA PRO B 220 -2.60 -13.10 11.07
C PRO B 220 -2.35 -13.23 12.57
N VAL B 221 -1.12 -12.94 12.96
CA VAL B 221 -0.77 -12.76 14.38
C VAL B 221 -1.10 -11.31 14.71
N THR B 222 -1.94 -11.12 15.73
CA THR B 222 -2.34 -9.79 16.22
C THR B 222 -2.34 -9.81 17.75
N ASP B 223 -1.18 -10.10 18.33
CA ASP B 223 -1.08 -10.31 19.79
C ASP B 223 -0.72 -9.02 20.52
N LYS B 224 -1.61 -8.59 21.40
CA LYS B 224 -1.37 -7.41 22.24
C LYS B 224 -0.54 -7.81 23.46
N TYR B 225 0.53 -7.06 23.73
CA TYR B 225 1.37 -7.19 24.92
C TYR B 225 1.52 -5.80 25.58
N THR B 226 1.93 -5.77 26.85
CA THR B 226 2.39 -4.50 27.44
C THR B 226 3.85 -4.31 27.05
N VAL B 227 4.34 -3.07 27.13
CA VAL B 227 5.77 -2.78 26.92
C VAL B 227 6.64 -3.66 27.84
N ALA B 228 6.22 -3.78 29.11
CA ALA B 228 6.94 -4.61 30.09
C ALA B 228 6.99 -6.10 29.74
N GLN B 229 5.90 -6.63 29.17
CA GLN B 229 5.86 -8.04 28.73
C GLN B 229 6.90 -8.37 27.66
N LEU B 230 7.32 -7.37 26.88
CA LEU B 230 8.38 -7.55 25.88
C LEU B 230 9.76 -7.93 26.47
N ARG B 231 9.98 -7.70 27.76
N ARG B 231 9.99 -7.69 27.77
CA ARG B 231 11.19 -8.18 28.46
CA ARG B 231 11.19 -8.19 28.45
C ARG B 231 11.16 -9.68 28.80
C ARG B 231 11.16 -9.68 28.78
N GLU B 232 9.98 -10.31 28.77
CA GLU B 232 9.84 -11.74 29.11
C GLU B 232 10.43 -12.64 28.01
N PRO B 233 11.36 -13.57 28.35
CA PRO B 233 12.07 -14.36 27.33
C PRO B 233 11.23 -15.13 26.31
N GLU B 234 10.15 -15.78 26.75
CA GLU B 234 9.29 -16.53 25.82
C GLU B 234 8.59 -15.60 24.83
N ILE B 235 8.24 -14.37 25.27
CA ILE B 235 7.58 -13.40 24.39
C ILE B 235 8.57 -12.77 23.39
N ALA B 236 9.72 -12.30 23.88
CA ALA B 236 10.74 -11.70 23.01
C ALA B 236 11.19 -12.63 21.87
N LYS B 237 11.30 -13.92 22.20
CA LYS B 237 11.67 -14.98 21.23
C LYS B 237 10.70 -15.12 20.04
N ARG B 238 9.44 -14.70 20.21
CA ARG B 238 8.44 -14.73 19.13
C ARG B 238 8.66 -13.66 18.05
N VAL B 239 9.49 -12.64 18.31
CA VAL B 239 9.72 -11.53 17.38
C VAL B 239 10.84 -11.90 16.39
N GLY B 240 10.49 -11.99 15.11
CA GLY B 240 11.41 -12.47 14.07
C GLY B 240 11.50 -11.56 12.85
N GLY B 241 11.98 -12.10 11.75
CA GLY B 241 12.29 -11.33 10.56
C GLY B 241 11.11 -10.82 9.75
N VAL B 242 9.90 -11.34 10.02
CA VAL B 242 8.67 -10.83 9.38
C VAL B 242 7.71 -10.17 10.39
N SER B 243 8.24 -9.74 11.54
CA SER B 243 7.46 -9.06 12.59
C SER B 243 7.48 -7.54 12.45
N THR B 244 6.32 -6.92 12.66
CA THR B 244 6.15 -5.45 12.68
C THR B 244 5.43 -5.09 13.98
N PHE B 245 5.77 -3.95 14.59
CA PHE B 245 5.03 -3.46 15.77
C PHE B 245 4.09 -2.30 15.43
N TYR B 246 2.87 -2.36 15.98
CA TYR B 246 1.90 -1.24 16.00
C TYR B 246 1.72 -0.77 17.45
N ILE B 247 1.96 0.52 17.68
CA ILE B 247 1.75 1.14 19.02
C ILE B 247 0.63 2.19 18.91
N PRO B 248 -0.52 1.93 19.57
CA PRO B 248 -1.64 2.87 19.47
C PRO B 248 -1.44 4.16 20.29
N PRO B 249 -2.24 5.21 19.99
CA PRO B 249 -2.18 6.43 20.79
C PRO B 249 -2.49 6.22 22.27
N LYS B 250 -1.94 7.09 23.11
CA LYS B 250 -2.28 7.15 24.54
C LYS B 250 -3.59 7.89 24.83
N ALA B 251 -3.89 8.90 24.02
CA ALA B 251 -5.06 9.76 24.24
C ALA B 251 -5.42 10.59 23.00
N ARG B 252 -6.59 11.23 23.07
CA ARG B 252 -7.08 12.18 22.05
C ARG B 252 -6.47 13.57 22.27
N LYS B 253 -6.04 14.22 21.19
CA LYS B 253 -5.39 15.54 21.24
C LYS B 253 -6.45 16.64 21.13
N ALA B 254 -6.26 17.73 21.90
CA ALA B 254 -7.17 18.88 21.86
C ALA B 254 -7.01 19.70 20.58
N SER B 255 -8.07 20.43 20.21
CA SER B 255 -8.08 21.28 19.02
C SER B 255 -7.50 22.67 19.26
N ASN B 256 -6.93 23.25 18.20
CA ASN B 256 -6.38 24.61 18.20
C ASN B 256 -7.53 25.61 17.97
N LEU B 257 -7.65 26.59 18.87
CA LEU B 257 -8.79 27.52 18.85
C LEU B 257 -8.78 28.51 17.69
N ASP B 258 -7.59 29.03 17.36
CA ASP B 258 -7.40 29.89 16.18
C ASP B 258 -7.84 29.18 14.90
N ILE B 259 -7.46 27.91 14.77
CA ILE B 259 -7.80 27.15 13.58
C ILE B 259 -9.32 26.88 13.50
N ILE B 260 -9.96 26.50 14.60
CA ILE B 260 -11.43 26.35 14.61
C ILE B 260 -12.12 27.63 14.10
N ARG B 261 -11.66 28.79 14.56
CA ARG B 261 -12.20 30.09 14.09
C ARG B 261 -11.91 30.35 12.61
N ARG B 262 -10.66 30.17 12.18
CA ARG B 262 -10.28 30.45 10.77
C ARG B 262 -11.00 29.53 9.76
N LEU B 263 -11.27 28.29 10.17
CA LEU B 263 -12.00 27.33 9.33
C LEU B 263 -13.52 27.36 9.55
N GLU B 264 -13.98 28.22 10.48
CA GLU B 264 -15.42 28.45 10.69
C GLU B 264 -16.17 27.16 11.08
N LEU B 265 -15.56 26.38 11.97
CA LEU B 265 -16.06 25.04 12.36
C LEU B 265 -16.99 25.01 13.58
N LEU B 266 -17.02 26.08 14.36
CA LEU B 266 -17.85 26.15 15.59
C LEU B 266 -18.14 27.61 15.88
N PRO B 267 -19.41 27.97 16.19
CA PRO B 267 -19.67 29.34 16.63
C PRO B 267 -19.00 29.67 17.96
N ALA B 268 -18.70 30.94 18.18
CA ALA B 268 -18.26 31.41 19.50
C ALA B 268 -19.27 31.04 20.59
N GLY B 269 -18.76 30.92 21.82
CA GLY B 269 -19.58 30.61 22.99
C GLY B 269 -19.94 29.13 23.17
N GLN B 270 -19.45 28.26 22.29
CA GLN B 270 -19.70 26.82 22.39
C GLN B 270 -18.38 26.10 22.69
N VAL B 271 -18.47 25.02 23.46
CA VAL B 271 -17.27 24.32 23.95
C VAL B 271 -16.73 23.38 22.87
N PRO B 272 -15.43 23.50 22.51
CA PRO B 272 -14.84 22.62 21.51
C PRO B 272 -14.50 21.22 22.02
N ASP B 273 -14.23 20.30 21.08
CA ASP B 273 -13.83 18.90 21.37
C ASP B 273 -14.87 18.09 22.16
N LYS B 274 -16.16 18.41 21.95
CA LYS B 274 -17.25 17.72 22.66
C LYS B 274 -18.08 16.76 21.80
N LYS B 275 -17.83 16.74 20.49
CA LYS B 275 -18.50 15.78 19.61
C LYS B 275 -17.92 14.39 19.83
N ALA B 276 -18.78 13.37 19.78
CA ALA B 276 -18.34 11.99 19.93
C ALA B 276 -17.45 11.58 18.76
N ARG B 277 -16.56 10.62 19.01
CA ARG B 277 -15.66 10.12 17.97
C ARG B 277 -16.44 9.51 16.81
N ILE B 278 -15.80 9.44 15.65
N ILE B 278 -15.80 9.45 15.65
CA ILE B 278 -16.36 8.77 14.48
CA ILE B 278 -16.37 8.77 14.48
C ILE B 278 -16.37 7.26 14.74
C ILE B 278 -16.38 7.27 14.76
N TYR B 279 -17.50 6.61 14.40
CA TYR B 279 -17.66 5.16 14.59
C TYR B 279 -16.95 4.41 13.44
N PRO B 280 -16.16 3.35 13.70
CA PRO B 280 -15.91 2.75 15.01
C PRO B 280 -14.64 3.28 15.69
N ALA B 281 -14.57 3.12 17.01
CA ALA B 281 -13.36 3.46 17.77
C ALA B 281 -12.23 2.45 17.49
N ASN B 282 -11.00 2.92 17.66
CA ASN B 282 -9.81 2.08 17.60
C ASN B 282 -9.80 1.10 18.78
N GLN B 283 -9.91 -0.19 18.50
CA GLN B 283 -10.03 -1.21 19.55
C GLN B 283 -8.75 -1.49 20.35
N TRP B 284 -7.62 -0.98 19.88
CA TRP B 284 -6.31 -1.19 20.51
C TRP B 284 -5.92 -0.05 21.48
N GLU B 285 -6.60 1.09 21.40
CA GLU B 285 -6.28 2.26 22.21
C GLU B 285 -6.76 2.02 23.64
N PRO B 286 -5.89 2.21 24.65
CA PRO B 286 -6.31 1.94 26.03
C PRO B 286 -7.36 2.93 26.53
N ASP B 287 -8.34 2.40 27.28
CA ASP B 287 -9.46 3.18 27.84
C ASP B 287 -10.28 3.96 26.81
N VAL B 288 -10.41 3.40 25.59
CA VAL B 288 -11.20 4.04 24.54
C VAL B 288 -12.70 3.87 24.85
N PRO B 289 -13.45 4.98 24.85
CA PRO B 289 -14.89 4.87 25.14
C PRO B 289 -15.64 4.24 23.95
N GLU B 290 -16.75 3.57 24.25
CA GLU B 290 -17.56 2.95 23.20
C GLU B 290 -18.32 4.04 22.43
N VAL B 291 -18.36 3.90 21.11
CA VAL B 291 -18.98 4.84 20.20
C VAL B 291 -20.20 4.13 19.60
N GLU B 292 -21.34 4.82 19.54
N GLU B 292 -21.33 4.83 19.55
CA GLU B 292 -22.58 4.23 19.06
CA GLU B 292 -22.60 4.29 19.03
C GLU B 292 -22.75 4.40 17.54
C GLU B 292 -22.67 4.40 17.51
N PRO B 293 -23.11 3.32 16.81
CA PRO B 293 -23.26 3.39 15.34
C PRO B 293 -24.45 4.21 14.81
N TYR B 294 -25.58 4.22 15.53
CA TYR B 294 -26.81 4.88 15.05
C TYR B 294 -27.32 6.02 15.95
N ARG B 295 -26.69 7.17 15.79
N ARG B 295 -26.70 7.18 15.81
CA ARG B 295 -27.14 8.43 16.39
CA ARG B 295 -27.16 8.39 16.49
C ARG B 295 -28.37 8.95 15.64
C ARG B 295 -28.25 9.03 15.61
N PRO B 296 -29.02 10.02 16.16
CA PRO B 296 -30.15 10.62 15.43
C PRO B 296 -29.86 11.06 13.98
N SER B 297 -28.70 11.68 13.75
CA SER B 297 -28.29 12.07 12.40
C SER B 297 -28.11 10.87 11.45
N ASP B 298 -27.66 9.73 11.95
CA ASP B 298 -27.53 8.49 11.16
C ASP B 298 -28.88 7.89 10.77
N GLN B 299 -29.82 7.84 11.72
N GLN B 299 -29.81 7.84 11.73
CA GLN B 299 -31.16 7.30 11.47
CA GLN B 299 -31.17 7.30 11.49
C GLN B 299 -31.96 8.12 10.47
C GLN B 299 -31.95 8.12 10.47
N ALA B 300 -31.76 9.44 10.48
CA ALA B 300 -32.39 10.34 9.51
C ALA B 300 -31.90 10.11 8.08
N ALA B 301 -30.58 9.89 7.92
CA ALA B 301 -30.00 9.58 6.61
C ALA B 301 -30.55 8.28 6.03
N ILE B 302 -30.73 7.27 6.88
CA ILE B 302 -31.23 5.97 6.46
C ILE B 302 -32.70 6.05 6.00
N ALA B 303 -33.50 6.88 6.68
CA ALA B 303 -34.89 7.10 6.30
C ALA B 303 -35.07 7.68 4.87
N GLN B 304 -34.09 8.46 4.44
CA GLN B 304 -34.09 9.07 3.10
C GLN B 304 -33.83 8.11 1.93
N LEU B 305 -33.36 6.90 2.21
CA LEU B 305 -33.07 5.92 1.15
C LEU B 305 -34.29 5.51 0.32
N ALA B 306 -35.46 5.41 0.96
CA ALA B 306 -36.67 4.89 0.30
C ALA B 306 -37.11 5.70 -0.93
N ASP B 307 -36.91 7.02 -0.91
CA ASP B 307 -37.25 7.87 -2.05
C ASP B 307 -36.03 8.63 -2.60
N HIS B 308 -34.85 8.01 -2.50
CA HIS B 308 -33.65 8.57 -3.13
C HIS B 308 -33.71 8.36 -4.65
N ALA B 309 -33.38 9.40 -5.41
CA ALA B 309 -33.13 9.31 -6.85
C ALA B 309 -31.70 9.76 -7.12
N PRO B 310 -31.07 9.26 -8.21
CA PRO B 310 -29.76 9.81 -8.56
C PRO B 310 -29.84 11.33 -8.81
N PRO B 311 -28.89 12.11 -8.26
CA PRO B 311 -28.86 13.56 -8.54
C PRO B 311 -28.80 13.88 -10.03
N GLU B 312 -29.28 15.07 -10.41
CA GLU B 312 -29.29 15.48 -11.81
C GLU B 312 -27.89 15.47 -12.47
N GLN B 313 -26.86 15.78 -11.68
N GLN B 313 -26.85 15.85 -11.72
CA GLN B 313 -25.49 15.89 -12.15
CA GLN B 313 -25.47 15.87 -12.21
C GLN B 313 -24.73 14.55 -12.15
C GLN B 313 -24.70 14.55 -12.11
N TYR B 314 -25.33 13.49 -11.61
CA TYR B 314 -24.75 12.13 -11.67
C TYR B 314 -24.84 11.63 -13.11
N GLN B 315 -23.73 11.06 -13.59
N GLN B 315 -23.73 11.11 -13.63
CA GLN B 315 -23.57 10.61 -14.96
CA GLN B 315 -23.63 10.63 -15.02
C GLN B 315 -23.40 9.08 -15.00
C GLN B 315 -23.42 9.12 -15.04
N PRO B 316 -24.46 8.34 -15.42
CA PRO B 316 -24.29 6.88 -15.50
C PRO B 316 -23.35 6.43 -16.62
N LEU B 317 -22.62 5.35 -16.38
CA LEU B 317 -21.79 4.74 -17.44
C LEU B 317 -22.67 4.34 -18.63
N ALA B 318 -22.19 4.65 -19.84
CA ALA B 318 -22.91 4.37 -21.09
C ALA B 318 -21.91 4.15 -22.22
N THR B 319 -21.24 3.00 -22.17
CA THR B 319 -20.14 2.67 -23.07
C THR B 319 -20.51 1.48 -23.97
N SER B 320 -19.50 0.89 -24.61
CA SER B 320 -19.68 -0.22 -25.55
C SER B 320 -18.69 -1.34 -25.23
N LYS B 321 -18.95 -2.52 -25.77
CA LYS B 321 -18.02 -3.64 -25.67
C LYS B 321 -16.67 -3.26 -26.25
N ALA B 322 -16.67 -2.66 -27.45
CA ALA B 322 -15.41 -2.33 -28.15
C ALA B 322 -14.53 -1.35 -27.37
N SER B 324 -14.76 -0.59 -23.97
N SER B 324 -14.75 -0.61 -23.96
CA SER B 324 -14.32 -1.24 -22.71
CA SER B 324 -14.32 -1.24 -22.71
C SER B 324 -13.20 -2.25 -22.99
C SER B 324 -13.23 -2.30 -22.95
N ASP B 325 -13.33 -3.05 -24.05
CA ASP B 325 -12.30 -4.03 -24.44
C ASP B 325 -10.91 -3.40 -24.67
N VAL B 326 -10.88 -2.27 -25.39
CA VAL B 326 -9.59 -1.66 -25.71
C VAL B 326 -8.97 -0.99 -24.45
N THR B 328 -9.39 -2.01 -21.35
CA THR B 328 -8.90 -3.18 -20.60
C THR B 328 -7.57 -3.71 -21.20
N LYS B 329 -7.50 -3.81 -22.53
CA LYS B 329 -6.29 -4.25 -23.21
C LYS B 329 -5.08 -3.36 -22.90
N LEU B 330 -5.28 -2.05 -22.90
CA LEU B 330 -4.19 -1.12 -22.58
C LEU B 330 -3.67 -1.32 -21.16
N ALA B 331 -4.55 -1.69 -20.23
CA ALA B 331 -4.15 -1.99 -18.86
C ALA B 331 -3.48 -3.35 -18.66
N LEU B 332 -3.84 -4.35 -19.47
CA LEU B 332 -3.40 -5.75 -19.25
C LEU B 332 -2.37 -6.28 -20.26
N ASP B 333 -2.08 -5.53 -21.33
CA ASP B 333 -1.13 -5.95 -22.37
C ASP B 333 -0.05 -4.86 -22.55
N PRO B 334 1.14 -5.06 -21.92
CA PRO B 334 2.21 -4.04 -22.01
C PRO B 334 2.67 -3.69 -23.44
N LYS B 335 2.65 -4.67 -24.34
N LYS B 335 2.64 -4.66 -24.35
CA LYS B 335 2.99 -4.47 -25.75
CA LYS B 335 3.02 -4.42 -25.74
C LYS B 335 2.03 -3.52 -26.45
C LYS B 335 2.02 -3.53 -26.48
N ALA B 336 0.73 -3.73 -26.22
CA ALA B 336 -0.33 -2.87 -26.78
C ALA B 336 -0.20 -1.43 -26.26
N LEU B 337 0.08 -1.27 -24.96
CA LEU B 337 0.31 0.07 -24.39
C LEU B 337 1.51 0.78 -25.04
N ALA B 338 2.61 0.06 -25.20
CA ALA B 338 3.79 0.62 -25.88
C ALA B 338 3.48 1.08 -27.32
N ASP B 339 2.71 0.27 -28.05
N ASP B 339 2.71 0.26 -28.05
CA ASP B 339 2.30 0.63 -29.43
CA ASP B 339 2.29 0.56 -29.42
C ASP B 339 1.44 1.88 -29.43
C ASP B 339 1.38 1.79 -29.50
N TYR B 340 0.45 1.91 -28.55
CA TYR B 340 -0.44 3.08 -28.43
C TYR B 340 0.36 4.36 -28.13
N LYS B 341 1.26 4.31 -27.15
CA LYS B 341 2.08 5.47 -26.77
C LYS B 341 2.97 6.00 -27.91
N ALA B 342 3.51 5.10 -28.72
CA ALA B 342 4.34 5.47 -29.88
C ALA B 342 3.59 6.24 -30.97
N ASP B 343 2.31 5.89 -31.19
CA ASP B 343 1.50 6.53 -32.25
C ASP B 343 0.00 6.29 -31.95
N HIS B 344 -0.59 7.27 -31.25
CA HIS B 344 -2.01 7.23 -30.86
C HIS B 344 -2.93 7.02 -32.06
N ARG B 345 -2.71 7.81 -33.12
CA ARG B 345 -3.57 7.77 -34.32
C ARG B 345 -3.54 6.42 -35.02
N ALA B 346 -2.34 5.89 -35.28
CA ALA B 346 -2.20 4.59 -35.93
C ALA B 346 -2.79 3.45 -35.11
N PHE B 347 -2.59 3.48 -33.79
CA PHE B 347 -3.20 2.49 -32.90
C PHE B 347 -4.73 2.56 -32.94
N ALA B 348 -5.29 3.75 -32.78
CA ALA B 348 -6.75 3.93 -32.75
C ALA B 348 -7.44 3.50 -34.05
N GLN B 349 -6.78 3.73 -35.18
CA GLN B 349 -7.27 3.26 -36.48
C GLN B 349 -7.34 1.72 -36.60
N SER B 350 -6.47 1.02 -35.88
CA SER B 350 -6.41 -0.46 -35.90
C SER B 350 -7.46 -1.19 -35.05
N VAL B 351 -8.13 -0.48 -34.13
CA VAL B 351 -8.99 -1.14 -33.15
C VAL B 351 -10.32 -1.51 -33.80
N PRO B 352 -10.74 -2.79 -33.69
CA PRO B 352 -12.00 -3.20 -34.32
C PRO B 352 -13.24 -2.68 -33.60
N ASP B 353 -14.24 -2.30 -34.39
CA ASP B 353 -15.61 -2.01 -33.95
C ASP B 353 -15.84 -0.68 -33.20
N LEU B 354 -14.82 0.18 -33.05
CA LEU B 354 -15.03 1.49 -32.42
C LEU B 354 -15.92 2.40 -33.27
N THR B 355 -16.78 3.18 -32.62
CA THR B 355 -17.54 4.24 -33.30
C THR B 355 -16.59 5.39 -33.63
N PRO B 356 -16.98 6.30 -34.56
CA PRO B 356 -16.14 7.46 -34.84
C PRO B 356 -15.84 8.36 -33.63
N GLN B 357 -16.83 8.52 -32.74
CA GLN B 357 -16.63 9.27 -31.50
C GLN B 357 -15.61 8.59 -30.59
N GLU B 358 -15.75 7.27 -30.43
CA GLU B 358 -14.82 6.47 -29.62
C GLU B 358 -13.40 6.48 -30.19
N ARG B 359 -13.27 6.35 -31.51
CA ARG B 359 -11.97 6.36 -32.18
C ARG B 359 -11.23 7.68 -31.98
N ALA B 360 -11.94 8.80 -32.18
CA ALA B 360 -11.37 10.13 -31.95
C ALA B 360 -10.97 10.37 -30.49
N ALA B 361 -11.82 9.92 -29.56
CA ALA B 361 -11.53 10.05 -28.14
C ALA B 361 -10.25 9.30 -27.74
N LEU B 362 -10.10 8.08 -28.23
CA LEU B 362 -8.90 7.27 -28.00
C LEU B 362 -7.67 7.93 -28.62
N GLU B 363 -7.81 8.47 -29.82
CA GLU B 363 -6.71 9.15 -30.51
C GLU B 363 -6.19 10.35 -29.69
N LEU B 364 -7.09 11.13 -29.11
CA LEU B 364 -6.70 12.24 -28.21
C LEU B 364 -6.06 11.70 -26.92
N GLY B 365 -6.78 10.80 -26.26
CA GLY B 365 -6.30 10.15 -25.04
C GLY B 365 -6.50 10.92 -23.74
N ASP B 366 -7.01 12.16 -23.80
CA ASP B 366 -7.21 12.97 -22.60
C ASP B 366 -8.37 12.43 -21.75
N SER B 367 -8.31 12.67 -20.44
CA SER B 367 -9.34 12.20 -19.49
C SER B 367 -10.73 12.72 -19.85
N TRP B 368 -10.83 14.01 -20.21
CA TRP B 368 -12.12 14.58 -20.63
C TRP B 368 -12.71 13.89 -21.87
N ALA B 369 -11.84 13.49 -22.80
CA ALA B 369 -12.27 12.83 -24.04
C ALA B 369 -12.77 11.41 -23.78
N ILE B 370 -12.00 10.64 -23.00
CA ILE B 370 -12.38 9.27 -22.65
C ILE B 370 -13.70 9.25 -21.85
N ARG B 371 -13.83 10.18 -20.90
N ARG B 371 -13.83 10.17 -20.89
CA ARG B 371 -15.06 10.28 -20.11
CA ARG B 371 -15.07 10.31 -20.10
C ARG B 371 -16.28 10.68 -20.95
C ARG B 371 -16.27 10.65 -20.97
N CYS B 372 -16.09 11.58 -21.91
CA CYS B 372 -17.14 11.94 -22.87
C CYS B 372 -17.65 10.73 -23.66
N ALA B 373 -16.72 9.92 -24.16
CA ALA B 373 -17.05 8.72 -24.94
C ALA B 373 -17.72 7.62 -24.12
N LYS B 375 -19.40 7.94 -21.12
CA LYS B 375 -20.67 8.32 -20.46
C LYS B 375 -21.66 9.00 -21.41
N ASN B 376 -21.40 8.93 -22.73
CA ASN B 376 -22.28 9.49 -23.76
C ASN B 376 -22.69 10.98 -23.52
#